data_5XAA
#
_entry.id   5XAA
#
_cell.length_a   120.900
_cell.length_b   87.700
_cell.length_c   140.200
_cell.angle_alpha   90.00
_cell.angle_beta   90.00
_cell.angle_gamma   90.00
#
_symmetry.space_group_name_H-M   'P 21 21 2'
#
loop_
_entity.id
_entity.type
_entity.pdbx_description
1 polymer 'Sarcoplasmic/endoplasmic reticulum calcium ATPase 1'
2 non-polymer 'MAGNESIUM ION'
3 non-polymer 'TETRAFLUOROALUMINATE ION'
4 non-polymer 'OCTANOIC ACID [3S-[3ALPHA, 3ABETA, 4ALPHA, 6BETA, 6ABETA, 7BETA, 8ALPHA(Z), 9BALPHA]]-6-(ACETYLOXY)-2,3,-3A,4,5,6,6A,7,8,9B-DECAHYDRO-3,3A-DIHYDROXY-3,6,9-TRIMETHYL-8-[(2-METHYL-1-OXO-2-BUTENYL)OX Y]-2-OXO-4-(1-OXOBUTOXY)-AZULENO[4,5-B]FURAN-7-YL ESTER'
5 non-polymer 1,2-DIOLEOYL-SN-GLYCERO-3-PHOSPHOCHOLINE
6 water water
#
_entity_poly.entity_id   1
_entity_poly.type   'polypeptide(L)'
_entity_poly.pdbx_seq_one_letter_code
;(ACE)MEAAHSKSTEECLAYFGVSETTGLTPDQVKRHLEKYGHNELPAEEGKSLWELVIEQFEDLLVRILLLAACISFVL
AWFEEGEETITAFVEPFVILLILIANAIVGVWQERNAENAIEALKEYEPEMGKVYRADRKSVQRIKARDIVPGDIVEVAV
GDKVPADIRILSIKSTTLRVDQSILTGESVSVIKHTEPVPDPRAVNQDKKNMLFSGTNIAAGKALGIVATTGVSTEIGKI
RDQMAATEQDKTPLQQKLDEFGEQLSKVISLICVAVWLINIGHFNDPVHGGSWIRGAIYYFKIAVALAVAAIPEGLPAVI
TTCLALGTRRMAKKNAIVRSLPSVETLGCTSVICSDKTGTLTTNQMSVCKMFIIDKVDGDFCSLNEFSITGSTYAPEGEV
LKNDKPIRSGQFDGLVELATICALCNDSSLDFNETKGVYEKVGEATETALTTLVEKMNVFNTEVRNLSKVERANACNSVI
RQLMKKEFTLEFSRDRKSMSVYCSPAKSSRAAVGNKMFVKGAPEGVIDRCNYVRVGTTRVPMTGPVKEKILSVIKEWGTG
RDTLRCLALATRDTPPKREEMVLDDSSRFMEYETDLTFVGVVGMLDPPRKEVMGSIQLCRDAGIRVIMITGDNKGTAIAI
CRRIGIFGENEEVADRAYTGREFDDLPLAEQREACRRACCFARVEPSHKSKIVEYLQSYDEITAMTGDGVNDAPALKKAE
IGIAMGSGTAVAKTASEMVLADDNFSTIVAAVEEGRAIYNNMKQFIRYLISSNVGEVVCIFLTAALGLPEALIPVQLLWV
NLVTDGLPATALGFNPPDLDIMDRPPRSPKEPLISGWLFFRYMAIGGYVGAATVGAAAWWFMYAEDGPGVTYHQLTHFMQ
CTEDHPHFEGLDCEIFEAPEPMTMALSVLVTIEMCNALNSLSENQSLMRMPPWVNIWLLGSICLSMSLHFLILYVDPLPM
IFKLKALDLTQWLMVLKISLPVIGLDEILKFIARNYLEG
;
_entity_poly.pdbx_strand_id   A
#
# COMPACT_ATOMS: atom_id res chain seq x y z
N MET A 2 31.12 5.74 -13.56
CA MET A 2 31.78 6.78 -12.77
C MET A 2 30.83 7.40 -11.77
N GLU A 3 30.79 6.84 -10.57
CA GLU A 3 30.00 7.41 -9.48
C GLU A 3 30.61 8.75 -9.06
N ALA A 4 29.79 9.60 -8.46
CA ALA A 4 30.22 10.92 -8.00
C ALA A 4 30.84 11.74 -9.11
N ALA A 5 30.33 11.57 -10.33
CA ALA A 5 30.77 12.36 -11.47
C ALA A 5 30.22 13.77 -11.35
N HIS A 6 29.16 13.92 -10.54
CA HIS A 6 28.55 15.21 -10.29
C HIS A 6 29.50 16.13 -9.53
N SER A 7 30.39 15.53 -8.74
CA SER A 7 31.34 16.29 -7.93
C SER A 7 32.59 16.65 -8.72
N LYS A 8 32.71 16.10 -9.93
CA LYS A 8 33.87 16.35 -10.77
C LYS A 8 33.51 17.26 -11.94
N SER A 9 34.51 17.92 -12.50
CA SER A 9 34.30 18.80 -13.64
C SER A 9 34.05 17.98 -14.91
N THR A 10 33.63 18.67 -15.97
CA THR A 10 33.39 18.00 -17.24
C THR A 10 34.68 17.47 -17.84
N GLU A 11 35.78 18.16 -17.56
CA GLU A 11 37.09 17.75 -18.04
C GLU A 11 37.55 16.50 -17.29
N GLU A 12 37.29 16.47 -15.98
CA GLU A 12 37.69 15.34 -15.15
C GLU A 12 36.91 14.07 -15.49
N CYS A 13 35.67 14.26 -15.94
CA CYS A 13 34.82 13.13 -16.33
C CYS A 13 35.25 12.54 -17.67
N LEU A 14 35.64 13.43 -18.59
CA LEU A 14 36.15 13.00 -19.89
C LEU A 14 37.49 12.28 -19.72
N ALA A 15 38.29 12.77 -18.78
CA ALA A 15 39.60 12.18 -18.49
C ALA A 15 39.45 10.82 -17.81
N TYR A 16 38.36 10.65 -17.08
CA TYR A 16 38.10 9.40 -16.36
C TYR A 16 37.94 8.23 -17.33
N PHE A 17 37.24 8.47 -18.42
CA PHE A 17 37.01 7.42 -19.42
C PHE A 17 37.97 7.54 -20.59
N GLY A 18 38.68 8.66 -20.66
CA GLY A 18 39.61 8.91 -21.75
C GLY A 18 38.90 8.94 -23.09
N VAL A 19 38.22 10.05 -23.37
CA VAL A 19 37.41 10.17 -24.57
C VAL A 19 37.21 11.63 -24.96
N SER A 20 37.38 11.93 -26.25
CA SER A 20 37.18 13.28 -26.75
C SER A 20 35.69 13.59 -26.92
N GLU A 21 35.30 14.80 -26.53
CA GLU A 21 33.92 15.24 -26.61
C GLU A 21 33.45 15.36 -28.05
N THR A 22 34.38 15.66 -28.95
CA THR A 22 34.05 15.89 -30.35
C THR A 22 34.06 14.60 -31.18
N THR A 23 34.99 13.70 -30.86
CA THR A 23 35.10 12.45 -31.60
C THR A 23 34.25 11.35 -30.98
N GLY A 24 34.42 11.14 -29.68
CA GLY A 24 33.68 10.10 -28.98
C GLY A 24 34.48 8.83 -28.81
N LEU A 25 33.84 7.79 -28.32
CA LEU A 25 34.51 6.51 -28.07
C LEU A 25 34.91 5.79 -29.35
N THR A 26 36.16 5.36 -29.41
CA THR A 26 36.64 4.54 -30.51
C THR A 26 35.96 3.17 -30.44
N PRO A 27 35.81 2.49 -31.59
CA PRO A 27 35.15 1.18 -31.61
C PRO A 27 35.82 0.15 -30.70
N ASP A 28 37.10 0.35 -30.41
CA ASP A 28 37.82 -0.53 -29.48
C ASP A 28 37.44 -0.21 -28.04
N GLN A 29 37.28 1.09 -27.75
CA GLN A 29 36.85 1.52 -26.43
C GLN A 29 35.44 1.04 -26.12
N VAL A 30 34.57 1.10 -27.13
CA VAL A 30 33.21 0.60 -27.00
C VAL A 30 33.22 -0.89 -26.71
N LYS A 31 34.14 -1.60 -27.35
CA LYS A 31 34.30 -3.03 -27.16
C LYS A 31 34.72 -3.35 -25.73
N ARG A 32 35.73 -2.63 -25.24
CA ARG A 32 36.27 -2.88 -23.90
C ARG A 32 35.33 -2.43 -22.79
N HIS A 33 34.63 -1.31 -23.02
CA HIS A 33 33.69 -0.80 -22.02
C HIS A 33 32.46 -1.69 -21.91
N LEU A 34 32.00 -2.22 -23.04
CA LEU A 34 30.84 -3.09 -23.06
C LEU A 34 31.12 -4.40 -22.32
N GLU A 35 32.36 -4.86 -22.40
CA GLU A 35 32.77 -6.08 -21.71
C GLU A 35 32.96 -5.82 -20.23
N LYS A 36 33.22 -4.57 -19.87
CA LYS A 36 33.48 -4.20 -18.49
C LYS A 36 32.21 -3.81 -17.74
N TYR A 37 31.42 -2.92 -18.34
CA TYR A 37 30.24 -2.38 -17.67
C TYR A 37 28.94 -3.07 -18.11
N GLY A 38 29.03 -3.89 -19.15
CA GLY A 38 27.86 -4.61 -19.64
C GLY A 38 26.96 -3.72 -20.47
N HIS A 39 25.77 -4.23 -20.79
CA HIS A 39 24.81 -3.48 -21.59
C HIS A 39 23.95 -2.56 -20.71
N ASN A 40 23.53 -1.44 -21.29
CA ASN A 40 22.66 -0.50 -20.59
C ASN A 40 21.23 -1.03 -20.51
N GLU A 41 20.99 -1.97 -19.60
CA GLU A 41 19.69 -2.61 -19.48
C GLU A 41 19.29 -2.85 -18.03
N LEU A 42 17.98 -2.83 -17.79
CA LEU A 42 17.44 -3.23 -16.50
C LEU A 42 16.96 -4.67 -16.57
N PRO A 43 17.65 -5.57 -15.85
CA PRO A 43 17.33 -7.01 -15.87
C PRO A 43 15.91 -7.31 -15.43
N ALA A 44 15.14 -7.93 -16.31
CA ALA A 44 13.76 -8.28 -16.01
C ALA A 44 13.70 -9.41 -14.98
N GLU A 45 12.60 -9.47 -14.24
CA GLU A 45 12.43 -10.50 -13.23
C GLU A 45 11.10 -11.21 -13.38
N GLU A 46 11.12 -12.53 -13.27
CA GLU A 46 9.90 -13.33 -13.38
C GLU A 46 10.03 -14.60 -12.55
N GLY A 47 10.12 -14.44 -11.23
CA GLY A 47 10.26 -15.56 -10.32
C GLY A 47 8.98 -16.35 -10.18
N LYS A 48 7.84 -15.67 -10.27
CA LYS A 48 6.54 -16.31 -10.16
C LYS A 48 6.21 -17.11 -11.41
N SER A 49 6.32 -18.44 -11.32
CA SER A 49 5.96 -19.32 -12.41
C SER A 49 4.77 -20.18 -12.01
N LEU A 50 4.33 -21.04 -12.92
CA LEU A 50 3.19 -21.92 -12.65
C LEU A 50 3.63 -23.12 -11.82
N TRP A 51 4.93 -23.40 -11.84
CA TRP A 51 5.47 -24.58 -11.16
C TRP A 51 5.93 -24.27 -9.73
N GLU A 52 6.72 -23.20 -9.59
CA GLU A 52 7.33 -22.87 -8.30
C GLU A 52 6.29 -22.48 -7.24
N LEU A 53 5.15 -21.97 -7.68
CA LEU A 53 4.09 -21.59 -6.76
C LEU A 53 3.47 -22.81 -6.10
N VAL A 54 3.38 -23.90 -6.84
CA VAL A 54 2.83 -25.15 -6.32
C VAL A 54 3.79 -25.76 -5.31
N ILE A 55 5.09 -25.66 -5.60
CA ILE A 55 6.12 -26.15 -4.69
C ILE A 55 6.11 -25.36 -3.39
N GLU A 56 5.75 -24.08 -3.48
CA GLU A 56 5.68 -23.21 -2.32
C GLU A 56 4.55 -23.63 -1.37
N GLN A 57 3.48 -24.17 -1.96
CA GLN A 57 2.32 -24.61 -1.18
C GLN A 57 2.67 -25.74 -0.23
N PHE A 58 3.49 -26.68 -0.70
CA PHE A 58 3.89 -27.83 0.10
C PHE A 58 5.17 -27.54 0.89
N GLU A 59 5.24 -26.36 1.47
CA GLU A 59 6.40 -25.95 2.25
C GLU A 59 5.98 -25.51 3.65
N ASP A 60 4.71 -25.13 3.77
CA ASP A 60 4.16 -24.69 5.06
C ASP A 60 4.18 -25.83 6.08
N LEU A 61 4.43 -25.48 7.34
CA LEU A 61 4.56 -26.47 8.40
C LEU A 61 3.25 -27.19 8.68
N LEU A 62 2.13 -26.46 8.60
CA LEU A 62 0.82 -27.05 8.85
C LEU A 62 0.34 -27.89 7.67
N VAL A 63 1.09 -27.85 6.57
CA VAL A 63 0.74 -28.61 5.38
C VAL A 63 1.58 -29.88 5.27
N ARG A 64 2.88 -29.76 5.55
CA ARG A 64 3.78 -30.90 5.48
C ARG A 64 3.41 -31.98 6.49
N ILE A 65 2.96 -31.55 7.67
CA ILE A 65 2.49 -32.48 8.70
C ILE A 65 1.23 -33.18 8.21
N LEU A 66 0.31 -32.39 7.65
CA LEU A 66 -0.93 -32.93 7.11
C LEU A 66 -0.67 -33.79 5.89
N LEU A 67 0.40 -33.47 5.15
CA LEU A 67 0.79 -34.25 3.99
C LEU A 67 1.48 -35.53 4.43
N LEU A 68 2.26 -35.46 5.51
CA LEU A 68 2.92 -36.62 6.07
C LEU A 68 1.89 -37.64 6.56
N ALA A 69 0.85 -37.13 7.22
CA ALA A 69 -0.24 -37.97 7.70
C ALA A 69 -1.07 -38.50 6.52
N ALA A 70 -1.06 -37.75 5.42
CA ALA A 70 -1.78 -38.15 4.22
C ALA A 70 -1.11 -39.35 3.57
N CYS A 71 0.22 -39.40 3.64
CA CYS A 71 0.99 -40.50 3.06
C CYS A 71 0.80 -41.78 3.87
N ILE A 72 0.81 -41.60 5.17
CA ILE A 72 0.65 -42.71 6.05
C ILE A 72 -0.72 -43.31 5.84
N SER A 73 -1.72 -42.44 5.80
CA SER A 73 -3.12 -42.85 5.66
C SER A 73 -3.31 -43.73 4.44
N PHE A 74 -2.54 -43.47 3.39
CA PHE A 74 -2.61 -44.26 2.17
C PHE A 74 -2.01 -45.65 2.38
N VAL A 75 -1.06 -45.73 3.30
CA VAL A 75 -0.40 -46.99 3.62
C VAL A 75 -1.25 -47.85 4.54
N LEU A 76 -1.82 -47.23 5.57
CA LEU A 76 -2.61 -47.94 6.56
C LEU A 76 -4.02 -48.27 6.06
N ALA A 77 -4.32 -47.88 4.83
CA ALA A 77 -5.62 -48.18 4.23
C ALA A 77 -5.55 -49.47 3.42
N TRP A 78 -4.34 -49.85 3.01
CA TRP A 78 -4.14 -51.06 2.24
C TRP A 78 -4.34 -52.30 3.13
N PHE A 79 -3.76 -52.24 4.32
CA PHE A 79 -3.90 -53.33 5.28
C PHE A 79 -5.33 -53.42 5.81
N GLU A 80 -6.17 -54.15 5.08
CA GLU A 80 -7.57 -54.28 5.44
C GLU A 80 -8.12 -55.65 5.04
N GLU A 81 -9.02 -56.18 5.86
CA GLU A 81 -9.62 -57.48 5.60
C GLU A 81 -10.71 -57.40 4.53
N GLY A 82 -11.66 -58.33 4.57
CA GLY A 82 -12.71 -58.38 3.57
C GLY A 82 -14.11 -58.29 4.14
N GLU A 83 -14.22 -58.25 5.46
CA GLU A 83 -15.53 -58.16 6.11
C GLU A 83 -16.07 -56.73 6.09
N GLU A 84 -15.15 -55.77 6.03
CA GLU A 84 -15.53 -54.36 6.03
C GLU A 84 -14.84 -53.61 4.89
N THR A 85 -14.73 -54.26 3.74
CA THR A 85 -14.08 -53.67 2.57
C THR A 85 -15.03 -52.79 1.78
N ILE A 86 -16.17 -52.45 2.39
CA ILE A 86 -17.16 -51.59 1.74
C ILE A 86 -16.63 -50.15 1.69
N THR A 87 -15.65 -49.86 2.54
CA THR A 87 -14.99 -48.56 2.54
C THR A 87 -13.49 -48.74 2.44
N ALA A 88 -13.00 -49.02 1.24
CA ALA A 88 -11.59 -49.29 1.01
C ALA A 88 -10.57 -48.15 1.15
N PHE A 89 -10.70 -47.15 0.29
CA PHE A 89 -9.76 -46.03 0.27
C PHE A 89 -10.59 -44.75 0.26
N VAL A 90 -11.10 -44.36 1.42
CA VAL A 90 -11.87 -43.13 1.55
C VAL A 90 -11.05 -42.07 2.27
N GLU A 91 -10.37 -42.49 3.33
CA GLU A 91 -9.53 -41.59 4.12
C GLU A 91 -8.33 -41.02 3.34
N PRO A 92 -7.59 -41.85 2.59
CA PRO A 92 -6.45 -41.27 1.87
C PRO A 92 -6.86 -40.33 0.74
N PHE A 93 -8.11 -40.45 0.28
CA PHE A 93 -8.59 -39.65 -0.84
C PHE A 93 -8.95 -38.23 -0.40
N VAL A 94 -9.70 -38.12 0.68
CA VAL A 94 -10.15 -36.82 1.19
C VAL A 94 -9.00 -36.02 1.76
N ILE A 95 -8.08 -36.70 2.44
CA ILE A 95 -6.94 -36.06 3.08
C ILE A 95 -6.00 -35.46 2.03
N LEU A 96 -6.08 -35.96 0.81
CA LEU A 96 -5.26 -35.45 -0.29
C LEU A 96 -6.06 -34.49 -1.16
N LEU A 97 -7.37 -34.69 -1.18
CA LEU A 97 -8.27 -33.85 -1.98
C LEU A 97 -8.22 -32.41 -1.49
N ILE A 98 -8.32 -32.22 -0.18
CA ILE A 98 -8.32 -30.89 0.42
C ILE A 98 -6.94 -30.25 0.35
N LEU A 99 -5.91 -31.08 0.46
CA LEU A 99 -4.53 -30.60 0.38
C LEU A 99 -4.21 -30.04 -1.00
N ILE A 100 -4.99 -30.45 -1.99
CA ILE A 100 -4.84 -29.91 -3.35
C ILE A 100 -5.89 -28.82 -3.57
N ALA A 101 -7.05 -28.98 -2.97
CA ALA A 101 -8.14 -28.02 -3.10
C ALA A 101 -7.77 -26.66 -2.51
N ASN A 102 -6.96 -26.68 -1.46
CA ASN A 102 -6.52 -25.44 -0.82
C ASN A 102 -5.21 -24.92 -1.40
N ALA A 103 -4.40 -25.82 -1.94
CA ALA A 103 -3.13 -25.43 -2.54
C ALA A 103 -3.34 -24.80 -3.91
N ILE A 104 -4.46 -25.14 -4.55
CA ILE A 104 -4.77 -24.60 -5.86
C ILE A 104 -5.41 -23.22 -5.73
N VAL A 105 -5.82 -22.87 -4.51
CA VAL A 105 -6.39 -21.56 -4.23
C VAL A 105 -5.28 -20.54 -3.97
N GLY A 106 -4.26 -20.97 -3.22
CA GLY A 106 -3.13 -20.11 -2.90
C GLY A 106 -2.34 -19.67 -4.11
N VAL A 107 -2.44 -20.43 -5.19
CA VAL A 107 -1.76 -20.10 -6.43
C VAL A 107 -2.60 -19.14 -7.27
N TRP A 108 -3.90 -19.35 -7.26
CA TRP A 108 -4.83 -18.50 -8.02
C TRP A 108 -4.87 -17.08 -7.47
N GLN A 109 -4.46 -16.93 -6.21
CA GLN A 109 -4.44 -15.61 -5.57
C GLN A 109 -3.02 -15.16 -5.26
N GLU A 110 -2.10 -15.47 -6.16
CA GLU A 110 -0.71 -15.07 -6.01
C GLU A 110 -0.05 -14.91 -7.38
N ARG A 111 -0.37 -15.74 -8.37
CA ARG A 111 0.28 -15.57 -9.67
C ARG A 111 -0.26 -14.40 -10.46
N ASN A 112 -1.51 -14.04 -10.15
CA ASN A 112 -2.17 -12.91 -10.78
C ASN A 112 -1.62 -11.66 -10.08
N ALA A 113 -0.53 -11.14 -10.62
CA ALA A 113 0.07 -9.94 -10.07
C ALA A 113 0.81 -9.42 -11.26
N GLU A 114 0.87 -8.11 -11.39
CA GLU A 114 1.57 -7.50 -12.51
C GLU A 114 3.03 -7.30 -12.08
N ASN A 115 3.95 -7.07 -13.03
CA ASN A 115 5.36 -6.87 -12.68
C ASN A 115 5.75 -5.42 -12.56
N ALA A 116 6.00 -4.99 -11.33
CA ALA A 116 6.34 -3.58 -11.17
C ALA A 116 7.55 -3.20 -12.01
N ILE A 117 8.50 -4.11 -12.12
CA ILE A 117 9.73 -3.87 -12.88
C ILE A 117 9.43 -3.70 -14.37
N GLU A 118 8.51 -4.51 -14.89
CA GLU A 118 8.10 -4.42 -16.28
C GLU A 118 7.45 -3.07 -16.56
N ALA A 119 6.69 -2.57 -15.61
CA ALA A 119 6.09 -1.25 -15.72
C ALA A 119 7.15 -0.17 -15.60
N LEU A 120 8.18 -0.46 -14.81
CA LEU A 120 9.30 0.45 -14.63
C LEU A 120 10.13 0.56 -15.90
N LYS A 121 10.26 -0.55 -16.62
CA LYS A 121 11.06 -0.58 -17.84
C LYS A 121 10.37 0.13 -19.00
N GLU A 122 9.16 0.60 -18.77
CA GLU A 122 8.45 1.42 -19.76
C GLU A 122 9.12 2.78 -19.88
N TYR A 123 9.96 3.11 -18.91
CA TYR A 123 10.71 4.36 -18.92
C TYR A 123 12.09 4.16 -19.55
N GLU A 124 12.27 3.03 -20.22
CA GLU A 124 13.49 2.78 -20.96
C GLU A 124 13.28 2.98 -22.44
N PRO A 125 13.91 4.02 -23.01
CA PRO A 125 13.79 4.30 -24.45
C PRO A 125 14.38 3.17 -25.28
N GLU A 126 13.80 2.93 -26.46
CA GLU A 126 14.28 1.88 -27.34
C GLU A 126 15.65 2.25 -27.91
N MET A 127 15.75 3.46 -28.46
CA MET A 127 16.98 3.91 -29.10
C MET A 127 17.61 5.07 -28.37
N GLY A 128 18.82 5.45 -28.81
CA GLY A 128 19.54 6.56 -28.24
C GLY A 128 20.51 7.15 -29.24
N LYS A 129 20.83 8.43 -29.09
CA LYS A 129 21.73 9.11 -30.01
C LYS A 129 23.11 9.28 -29.38
N VAL A 130 24.12 8.71 -30.04
CA VAL A 130 25.50 8.78 -29.54
C VAL A 130 26.45 9.34 -30.58
N TYR A 131 27.61 9.79 -30.12
CA TYR A 131 28.67 10.25 -31.00
C TYR A 131 29.91 9.38 -30.83
N ARG A 132 30.11 8.49 -31.80
CA ARG A 132 31.25 7.58 -31.76
C ARG A 132 32.34 8.04 -32.70
N ALA A 133 33.53 7.44 -32.59
CA ALA A 133 34.62 7.74 -33.50
C ALA A 133 34.42 7.03 -34.83
N ASP A 134 33.42 6.16 -34.87
CA ASP A 134 33.07 5.40 -36.06
C ASP A 134 32.72 6.32 -37.23
N ARG A 135 32.03 7.42 -36.93
CA ARG A 135 31.66 8.38 -37.96
C ARG A 135 31.29 9.74 -37.34
N LYS A 136 31.38 10.79 -38.15
CA LYS A 136 31.14 12.15 -37.68
C LYS A 136 29.66 12.40 -37.37
N SER A 137 28.79 11.83 -38.20
CA SER A 137 27.35 11.99 -38.01
C SER A 137 26.89 11.23 -36.76
N VAL A 138 25.89 11.78 -36.07
CA VAL A 138 25.35 11.16 -34.87
C VAL A 138 24.62 9.87 -35.21
N GLN A 139 24.96 8.80 -34.49
CA GLN A 139 24.35 7.49 -34.73
C GLN A 139 23.15 7.26 -33.82
N ARG A 140 22.09 6.71 -34.38
CA ARG A 140 20.92 6.33 -33.60
C ARG A 140 20.94 4.83 -33.33
N ILE A 141 21.55 4.45 -32.20
CA ILE A 141 21.72 3.06 -31.85
C ILE A 141 20.74 2.62 -30.77
N LYS A 142 20.73 1.32 -30.48
CA LYS A 142 19.95 0.78 -29.38
C LYS A 142 20.41 1.40 -28.07
N ALA A 143 19.47 1.74 -27.20
CA ALA A 143 19.80 2.35 -25.90
C ALA A 143 20.58 1.38 -25.02
N ARG A 144 20.47 0.09 -25.33
CA ARG A 144 21.15 -0.95 -24.56
C ARG A 144 22.63 -1.05 -24.96
N ASP A 145 22.96 -0.59 -26.16
CA ASP A 145 24.32 -0.67 -26.66
C ASP A 145 25.16 0.52 -26.22
N ILE A 146 24.60 1.34 -25.34
CA ILE A 146 25.30 2.52 -24.82
C ILE A 146 26.13 2.15 -23.60
N VAL A 147 27.41 2.50 -23.63
CA VAL A 147 28.34 2.15 -22.55
C VAL A 147 28.82 3.41 -21.83
N PRO A 148 29.21 3.28 -20.55
CA PRO A 148 29.77 4.40 -19.80
C PRO A 148 30.98 5.03 -20.48
N GLY A 149 30.92 6.34 -20.70
CA GLY A 149 31.97 7.04 -21.40
C GLY A 149 31.51 7.52 -22.77
N ASP A 150 30.38 7.00 -23.21
CA ASP A 150 29.80 7.38 -24.50
C ASP A 150 29.41 8.85 -24.52
N ILE A 151 29.59 9.47 -25.69
CA ILE A 151 29.13 10.84 -25.90
C ILE A 151 27.68 10.79 -26.38
N VAL A 152 26.76 11.29 -25.56
CA VAL A 152 25.33 11.16 -25.84
C VAL A 152 24.66 12.51 -26.05
N GLU A 153 23.84 12.58 -27.11
CA GLU A 153 23.04 13.78 -27.38
C GLU A 153 21.56 13.51 -27.09
N VAL A 154 20.93 14.42 -26.35
CA VAL A 154 19.51 14.31 -26.06
C VAL A 154 18.78 15.58 -26.52
N ALA A 155 17.57 15.41 -27.02
CA ALA A 155 16.77 16.54 -27.49
C ALA A 155 15.42 16.58 -26.80
N VAL A 156 14.63 17.61 -27.10
CA VAL A 156 13.31 17.77 -26.50
C VAL A 156 12.38 16.63 -26.91
N GLY A 157 11.68 16.07 -25.93
CA GLY A 157 10.77 14.97 -26.19
C GLY A 157 11.42 13.61 -25.96
N ASP A 158 12.75 13.58 -26.03
CA ASP A 158 13.49 12.34 -25.84
C ASP A 158 13.41 11.84 -24.41
N LYS A 159 13.51 10.52 -24.25
CA LYS A 159 13.60 9.92 -22.94
C LYS A 159 15.05 9.56 -22.66
N VAL A 160 15.58 10.04 -21.53
CA VAL A 160 16.99 9.86 -21.21
C VAL A 160 17.35 8.37 -21.09
N PRO A 161 18.35 7.94 -21.87
CA PRO A 161 18.75 6.53 -21.96
C PRO A 161 19.64 6.04 -20.81
N ALA A 162 20.41 6.92 -20.20
CA ALA A 162 21.33 6.53 -19.13
C ALA A 162 21.64 7.68 -18.18
N ASP A 163 22.29 7.36 -17.07
CA ASP A 163 22.75 8.40 -16.15
C ASP A 163 23.94 9.13 -16.77
N ILE A 164 23.76 10.42 -17.03
CA ILE A 164 24.71 11.19 -17.82
C ILE A 164 25.21 12.44 -17.10
N ARG A 165 26.53 12.64 -17.14
CA ARG A 165 27.12 13.90 -16.70
C ARG A 165 27.10 14.89 -17.86
N ILE A 166 26.29 15.94 -17.73
CA ILE A 166 26.10 16.91 -18.81
C ILE A 166 27.39 17.64 -19.15
N LEU A 167 27.75 17.59 -20.44
CA LEU A 167 28.96 18.25 -20.92
C LEU A 167 28.68 19.67 -21.40
N SER A 168 27.74 19.80 -22.33
CA SER A 168 27.39 21.09 -22.89
C SER A 168 25.92 21.18 -23.27
N ILE A 169 25.30 22.31 -22.94
CA ILE A 169 23.90 22.55 -23.30
C ILE A 169 23.82 23.39 -24.58
N LYS A 170 23.19 22.85 -25.60
CA LYS A 170 23.10 23.52 -26.89
C LYS A 170 22.05 24.61 -26.90
N SER A 171 20.91 24.33 -26.27
CA SER A 171 19.85 25.32 -26.14
C SER A 171 20.21 26.35 -25.07
N THR A 172 19.37 27.37 -24.92
CA THR A 172 19.58 28.37 -23.89
C THR A 172 19.50 27.73 -22.51
N THR A 173 18.50 26.87 -22.33
CA THR A 173 18.32 26.13 -21.08
C THR A 173 17.90 24.70 -21.36
N LEU A 174 18.26 23.80 -20.45
CA LEU A 174 17.83 22.40 -20.54
C LEU A 174 16.82 22.10 -19.44
N ARG A 175 15.55 21.95 -19.82
CA ARG A 175 14.49 21.72 -18.87
C ARG A 175 14.15 20.23 -18.79
N VAL A 176 14.28 19.66 -17.59
CA VAL A 176 14.14 18.22 -17.41
C VAL A 176 13.06 17.85 -16.39
N ASP A 177 12.23 16.89 -16.76
CA ASP A 177 11.19 16.36 -15.88
C ASP A 177 11.70 15.13 -15.12
N GLN A 178 11.99 15.31 -13.84
CA GLN A 178 12.51 14.24 -12.99
C GLN A 178 11.45 13.70 -12.04
N SER A 179 10.23 13.53 -12.54
CA SER A 179 9.10 13.11 -11.71
C SER A 179 9.26 11.67 -11.21
N ILE A 180 10.00 10.85 -11.94
CA ILE A 180 10.16 9.45 -11.58
C ILE A 180 11.10 9.28 -10.38
N LEU A 181 11.84 10.33 -10.05
CA LEU A 181 12.80 10.26 -8.95
C LEU A 181 12.43 11.20 -7.81
N THR A 182 11.70 12.27 -8.12
CA THR A 182 11.34 13.27 -7.12
C THR A 182 9.84 13.34 -6.87
N GLY A 183 9.05 12.92 -7.87
CA GLY A 183 7.61 12.98 -7.76
C GLY A 183 7.08 14.34 -8.14
N GLU A 184 7.96 15.19 -8.65
CA GLU A 184 7.58 16.54 -9.07
C GLU A 184 7.80 16.72 -10.57
N SER A 185 6.73 17.07 -11.28
CA SER A 185 6.79 17.20 -12.73
C SER A 185 7.29 18.57 -13.17
N VAL A 186 7.67 19.40 -12.20
CA VAL A 186 8.20 20.74 -12.50
C VAL A 186 9.52 20.63 -13.25
N SER A 187 9.68 21.45 -14.29
CA SER A 187 10.89 21.44 -15.09
C SER A 187 12.11 21.87 -14.29
N VAL A 188 13.15 21.05 -14.31
CA VAL A 188 14.40 21.36 -13.61
C VAL A 188 15.41 21.96 -14.58
N ILE A 189 15.95 23.12 -14.24
CA ILE A 189 16.97 23.76 -15.06
C ILE A 189 18.35 23.18 -14.73
N LYS A 190 19.00 22.63 -15.75
CA LYS A 190 20.29 21.99 -15.56
C LYS A 190 21.45 22.91 -15.89
N HIS A 191 22.66 22.48 -15.55
CA HIS A 191 23.87 23.21 -15.91
C HIS A 191 25.04 22.23 -16.03
N THR A 192 26.23 22.75 -16.32
CA THR A 192 27.39 21.89 -16.54
C THR A 192 28.50 22.14 -15.52
N GLU A 193 28.12 22.71 -14.38
CA GLU A 193 29.07 22.98 -13.31
C GLU A 193 29.09 21.81 -12.31
N PRO A 194 30.25 21.57 -11.68
CA PRO A 194 30.35 20.47 -10.71
C PRO A 194 29.53 20.71 -9.45
N VAL A 195 29.11 19.62 -8.80
CA VAL A 195 28.40 19.70 -7.53
C VAL A 195 29.28 19.07 -6.45
N PRO A 196 30.11 19.90 -5.80
CA PRO A 196 31.16 19.52 -4.85
C PRO A 196 30.76 18.48 -3.82
N ASP A 197 29.53 18.57 -3.31
CA ASP A 197 29.07 17.65 -2.27
C ASP A 197 28.95 16.22 -2.79
N PRO A 198 29.79 15.31 -2.26
CA PRO A 198 29.75 13.91 -2.66
C PRO A 198 28.52 13.19 -2.10
N ARG A 199 27.94 13.73 -1.04
CA ARG A 199 26.75 13.15 -0.42
C ARG A 199 25.47 13.74 -0.98
N ALA A 200 25.58 14.51 -2.06
CA ALA A 200 24.44 15.21 -2.64
C ALA A 200 23.37 14.23 -3.13
N VAL A 201 22.11 14.63 -3.00
CA VAL A 201 21.00 13.82 -3.48
C VAL A 201 20.66 14.19 -4.92
N ASN A 202 19.71 13.48 -5.50
CA ASN A 202 19.35 13.69 -6.91
C ASN A 202 18.89 15.11 -7.21
N GLN A 203 18.15 15.70 -6.28
CA GLN A 203 17.65 17.07 -6.45
C GLN A 203 18.79 18.09 -6.43
N ASP A 204 19.95 17.67 -5.93
CA ASP A 204 21.11 18.55 -5.87
C ASP A 204 21.98 18.42 -7.12
N LYS A 205 21.95 17.24 -7.73
CA LYS A 205 22.74 16.98 -8.92
C LYS A 205 22.13 17.64 -10.15
N LYS A 206 22.34 18.95 -10.29
CA LYS A 206 21.75 19.69 -11.41
C LYS A 206 22.64 19.65 -12.64
N ASN A 207 23.71 18.88 -12.58
CA ASN A 207 24.57 18.69 -13.74
C ASN A 207 24.46 17.26 -14.27
N MET A 208 23.46 16.55 -13.78
CA MET A 208 23.27 15.14 -14.15
C MET A 208 21.95 14.91 -14.88
N LEU A 209 21.98 14.01 -15.86
CA LEU A 209 20.76 13.54 -16.51
C LEU A 209 20.52 12.10 -16.09
N PHE A 210 19.29 11.81 -15.67
CA PHE A 210 18.98 10.48 -15.15
C PHE A 210 18.09 9.69 -16.11
N SER A 211 18.41 8.42 -16.28
CA SER A 211 17.66 7.54 -17.18
C SER A 211 16.20 7.41 -16.73
N GLY A 212 15.30 7.37 -17.69
CA GLY A 212 13.88 7.28 -17.40
C GLY A 212 13.21 8.64 -17.43
N THR A 213 13.95 9.66 -17.01
CA THR A 213 13.46 11.04 -17.08
C THR A 213 13.39 11.49 -18.53
N ASN A 214 12.61 12.53 -18.79
CA ASN A 214 12.47 13.03 -20.16
C ASN A 214 12.81 14.51 -20.28
N ILE A 215 13.38 14.87 -21.41
CA ILE A 215 13.72 16.26 -21.68
C ILE A 215 12.46 17.05 -22.02
N ALA A 216 12.05 17.91 -21.10
CA ALA A 216 10.85 18.73 -21.30
C ALA A 216 11.09 19.76 -22.39
N ALA A 217 12.29 20.31 -22.44
CA ALA A 217 12.65 21.31 -23.44
C ALA A 217 14.16 21.46 -23.57
N GLY A 218 14.64 21.63 -24.80
CA GLY A 218 16.05 21.91 -25.04
C GLY A 218 16.83 20.78 -25.68
N LYS A 219 18.12 21.05 -25.89
CA LYS A 219 19.03 20.08 -26.48
C LYS A 219 20.39 20.19 -25.82
N ALA A 220 20.98 19.06 -25.44
CA ALA A 220 22.26 19.07 -24.74
C ALA A 220 23.11 17.85 -25.05
N LEU A 221 24.41 17.97 -24.77
CA LEU A 221 25.35 16.87 -24.96
C LEU A 221 25.95 16.48 -23.61
N GLY A 222 26.30 15.21 -23.45
CA GLY A 222 26.87 14.74 -22.21
C GLY A 222 27.63 13.44 -22.33
N ILE A 223 28.25 13.01 -21.23
CA ILE A 223 28.98 11.76 -21.18
C ILE A 223 28.34 10.81 -20.15
N VAL A 224 28.20 9.55 -20.53
CA VAL A 224 27.54 8.58 -19.67
C VAL A 224 28.34 8.29 -18.41
N ALA A 225 27.73 8.55 -17.25
CA ALA A 225 28.35 8.26 -15.97
C ALA A 225 28.24 6.78 -15.65
N THR A 226 27.01 6.29 -15.51
CA THR A 226 26.77 4.88 -15.21
C THR A 226 25.63 4.32 -16.08
N THR A 227 25.57 2.99 -16.17
CA THR A 227 24.51 2.32 -16.92
C THR A 227 23.90 1.18 -16.12
N GLY A 228 22.87 0.55 -16.69
CA GLY A 228 22.24 -0.60 -16.07
C GLY A 228 21.64 -0.33 -14.69
N VAL A 229 21.97 -1.20 -13.74
CA VAL A 229 21.45 -1.08 -12.38
C VAL A 229 22.27 -0.12 -11.55
N SER A 230 23.35 0.41 -12.14
CA SER A 230 24.20 1.38 -11.46
C SER A 230 23.60 2.78 -11.56
N THR A 231 22.44 2.87 -12.19
CA THR A 231 21.74 4.14 -12.33
C THR A 231 20.72 4.33 -11.22
N GLU A 232 20.18 5.55 -11.11
CA GLU A 232 19.21 5.85 -10.06
C GLU A 232 17.92 5.09 -10.25
N ILE A 233 17.50 4.92 -11.51
CA ILE A 233 16.33 4.13 -11.81
C ILE A 233 16.65 2.65 -11.58
N GLY A 234 17.93 2.31 -11.68
CA GLY A 234 18.39 0.97 -11.39
C GLY A 234 18.30 0.68 -9.91
N LYS A 235 18.53 1.70 -9.09
CA LYS A 235 18.39 1.56 -7.64
C LYS A 235 16.96 1.27 -7.27
N ILE A 236 16.02 1.96 -7.93
CA ILE A 236 14.60 1.70 -7.75
C ILE A 236 14.28 0.26 -8.13
N ARG A 237 14.89 -0.20 -9.22
CA ARG A 237 14.70 -1.57 -9.70
C ARG A 237 15.21 -2.57 -8.67
N ASP A 238 16.41 -2.32 -8.15
CA ASP A 238 17.05 -3.23 -7.20
C ASP A 238 16.27 -3.37 -5.91
N GLN A 239 15.58 -2.31 -5.49
CA GLN A 239 14.82 -2.32 -4.25
C GLN A 239 13.41 -2.90 -4.44
N MET A 240 13.13 -3.38 -5.64
CA MET A 240 11.84 -4.00 -5.93
C MET A 240 11.99 -5.43 -6.40
N ALA A 241 12.98 -6.14 -5.93
CA ALA A 241 13.09 -7.51 -6.36
C ALA A 241 12.99 -8.39 -5.17
N ALA A 242 13.10 -9.69 -5.37
CA ALA A 242 13.26 -10.65 -4.29
C ALA A 242 12.04 -10.76 -3.45
N THR A 243 12.18 -11.36 -2.27
CA THR A 243 11.05 -11.56 -1.39
C THR A 243 11.14 -10.11 -0.99
N GLU A 244 10.07 -9.41 -1.30
CA GLU A 244 9.97 -8.00 -1.05
C GLU A 244 8.99 -7.95 0.12
N GLN A 245 7.97 -8.80 0.11
CA GLN A 245 6.98 -8.75 1.18
C GLN A 245 6.96 -9.93 2.13
N ASP A 246 6.86 -9.59 3.41
CA ASP A 246 6.81 -10.54 4.51
C ASP A 246 5.41 -11.06 4.74
N LYS A 247 5.29 -11.80 5.84
CA LYS A 247 4.05 -12.46 6.25
C LYS A 247 3.11 -11.66 7.15
N THR A 248 1.81 -11.89 7.00
CA THR A 248 0.83 -11.17 7.79
C THR A 248 0.96 -11.49 9.23
N PRO A 249 0.77 -10.47 10.03
CA PRO A 249 0.88 -10.65 11.49
C PRO A 249 -0.02 -11.74 12.03
N LEU A 250 -1.16 -11.98 11.37
CA LEU A 250 -2.05 -13.07 11.76
C LEU A 250 -1.47 -14.40 11.30
N GLN A 251 -0.86 -14.40 10.12
CA GLN A 251 -0.20 -15.60 9.60
C GLN A 251 1.02 -15.95 10.43
N GLN A 252 1.61 -14.95 11.07
CA GLN A 252 2.73 -15.18 11.98
C GLN A 252 2.24 -15.86 13.25
N LYS A 253 1.00 -15.56 13.63
CA LYS A 253 0.37 -16.20 14.77
C LYS A 253 -0.02 -17.63 14.43
N LEU A 254 -0.41 -17.84 13.18
CA LEU A 254 -0.74 -19.18 12.70
C LEU A 254 0.51 -20.03 12.59
N ASP A 255 1.60 -19.43 12.12
CA ASP A 255 2.88 -20.12 12.02
C ASP A 255 3.44 -20.40 13.41
N GLU A 256 3.12 -19.52 14.35
CA GLU A 256 3.52 -19.72 15.74
C GLU A 256 2.72 -20.87 16.34
N PHE A 257 1.44 -20.93 16.00
CA PHE A 257 0.57 -22.01 16.43
C PHE A 257 1.04 -23.34 15.84
N GLY A 258 1.30 -23.34 14.54
CA GLY A 258 1.74 -24.53 13.84
C GLY A 258 3.11 -25.01 14.30
N GLU A 259 3.93 -24.09 14.78
CA GLU A 259 5.25 -24.42 15.28
C GLU A 259 5.14 -25.21 16.59
N GLN A 260 4.35 -24.67 17.51
CA GLN A 260 4.12 -25.35 18.78
C GLN A 260 3.29 -26.61 18.59
N LEU A 261 2.41 -26.59 17.58
CA LEU A 261 1.57 -27.75 17.28
C LEU A 261 2.42 -28.92 16.83
N SER A 262 3.46 -28.63 16.05
CA SER A 262 4.37 -29.67 15.57
C SER A 262 5.16 -30.29 16.70
N LYS A 263 5.28 -29.57 17.82
CA LYS A 263 6.06 -30.02 18.95
C LYS A 263 5.21 -30.73 20.00
N VAL A 264 3.93 -30.39 20.07
CA VAL A 264 3.04 -30.98 21.05
C VAL A 264 2.39 -32.26 20.51
N ILE A 265 2.14 -32.29 19.21
CA ILE A 265 1.60 -33.48 18.57
C ILE A 265 2.59 -34.64 18.73
N SER A 266 3.86 -34.35 18.48
CA SER A 266 4.92 -35.32 18.68
C SER A 266 5.07 -35.66 20.17
N LEU A 267 4.70 -34.71 21.03
CA LEU A 267 4.80 -34.90 22.46
C LEU A 267 3.70 -35.84 22.96
N ILE A 268 2.50 -35.68 22.42
CA ILE A 268 1.37 -36.52 22.81
C ILE A 268 1.57 -37.96 22.35
N CYS A 269 2.06 -38.13 21.13
CA CYS A 269 2.31 -39.46 20.57
C CYS A 269 3.35 -40.22 21.40
N VAL A 270 4.29 -39.49 21.98
CA VAL A 270 5.28 -40.09 22.86
C VAL A 270 4.69 -40.31 24.25
N ALA A 271 3.81 -39.39 24.66
CA ALA A 271 3.16 -39.48 25.96
C ALA A 271 2.40 -40.79 26.11
N VAL A 272 1.72 -41.20 25.05
CA VAL A 272 0.95 -42.44 25.06
C VAL A 272 1.85 -43.65 24.81
N TRP A 273 3.06 -43.60 25.37
CA TRP A 273 4.01 -44.69 25.20
C TRP A 273 4.57 -45.14 26.56
N LEU A 274 4.78 -44.18 27.44
CA LEU A 274 5.31 -44.46 28.77
C LEU A 274 4.23 -45.00 29.70
N ILE A 275 2.97 -44.91 29.26
CA ILE A 275 1.85 -45.38 30.05
C ILE A 275 1.49 -46.81 29.63
N ASN A 276 1.71 -47.12 28.36
CA ASN A 276 1.43 -48.45 27.84
C ASN A 276 2.64 -49.38 27.96
N ILE A 277 3.14 -49.53 29.18
CA ILE A 277 4.28 -50.39 29.44
C ILE A 277 3.88 -51.62 30.25
N GLY A 278 3.34 -51.39 31.44
CA GLY A 278 2.91 -52.47 32.31
C GLY A 278 1.90 -53.39 31.64
N HIS A 279 2.35 -54.14 30.65
CA HIS A 279 1.48 -55.06 29.93
C HIS A 279 2.29 -55.97 29.00
N PHE A 280 3.58 -55.68 28.87
CA PHE A 280 4.45 -56.48 28.02
C PHE A 280 5.07 -57.64 28.80
N ASN A 281 4.65 -57.79 30.05
CA ASN A 281 5.16 -58.87 30.90
C ASN A 281 4.65 -60.23 30.45
N ASP A 282 3.48 -60.23 29.80
CA ASP A 282 2.91 -61.45 29.25
C ASP A 282 2.66 -61.28 27.75
N PRO A 283 3.21 -62.18 26.95
CA PRO A 283 3.04 -62.13 25.49
C PRO A 283 1.63 -62.55 25.07
N VAL A 284 1.36 -62.53 23.78
CA VAL A 284 0.06 -62.91 23.25
C VAL A 284 0.12 -63.16 21.75
N HIS A 285 0.11 -64.44 21.36
CA HIS A 285 0.16 -64.81 19.95
C HIS A 285 -1.05 -64.28 19.20
N GLY A 286 -1.36 -63.00 19.41
CA GLY A 286 -2.49 -62.37 18.75
C GLY A 286 -2.07 -61.40 17.67
N GLY A 287 -0.83 -60.91 17.77
CA GLY A 287 -0.31 -59.97 16.80
C GLY A 287 1.16 -59.63 17.06
N SER A 288 1.95 -59.64 16.00
CA SER A 288 3.37 -59.34 16.10
C SER A 288 3.62 -57.83 16.12
N TRP A 289 4.70 -57.40 15.49
CA TRP A 289 5.05 -55.99 15.43
C TRP A 289 4.23 -55.26 14.38
N ILE A 290 3.89 -55.95 13.29
CA ILE A 290 3.14 -55.36 12.20
C ILE A 290 1.67 -55.19 12.55
N ARG A 291 1.17 -56.02 13.48
CA ARG A 291 -0.22 -55.96 13.88
C ARG A 291 -0.38 -55.16 15.16
N GLY A 292 0.71 -55.01 15.90
CA GLY A 292 0.69 -54.27 17.15
C GLY A 292 1.06 -52.81 16.99
N ALA A 293 1.39 -52.41 15.77
CA ALA A 293 1.75 -51.03 15.49
C ALA A 293 0.68 -50.32 14.68
N ILE A 294 -0.38 -51.06 14.35
CA ILE A 294 -1.51 -50.49 13.61
C ILE A 294 -2.23 -49.45 14.45
N TYR A 295 -2.35 -49.72 15.74
CA TYR A 295 -3.06 -48.84 16.65
C TYR A 295 -2.17 -47.69 17.12
N TYR A 296 -0.90 -47.70 16.71
CA TYR A 296 0.05 -46.69 17.14
C TYR A 296 0.26 -45.62 16.07
N PHE A 297 -0.03 -45.96 14.81
CA PHE A 297 0.13 -45.01 13.71
C PHE A 297 -1.20 -44.48 13.21
N LYS A 298 -2.27 -45.24 13.42
CA LYS A 298 -3.61 -44.78 13.05
C LYS A 298 -4.08 -43.68 13.98
N ILE A 299 -3.51 -43.65 15.19
CA ILE A 299 -3.81 -42.60 16.15
C ILE A 299 -2.84 -41.44 16.00
N ALA A 300 -1.73 -41.70 15.31
CA ALA A 300 -0.72 -40.67 15.08
C ALA A 300 -1.14 -39.75 13.95
N VAL A 301 -1.94 -40.28 13.03
CA VAL A 301 -2.43 -39.49 11.90
C VAL A 301 -3.81 -38.91 12.19
N ALA A 302 -4.53 -39.53 13.12
CA ALA A 302 -5.84 -39.05 13.52
C ALA A 302 -5.70 -37.91 14.51
N LEU A 303 -4.55 -37.83 15.16
CA LEU A 303 -4.27 -36.78 16.12
C LEU A 303 -4.00 -35.46 15.40
N ALA A 304 -3.32 -35.55 14.26
CA ALA A 304 -3.00 -34.36 13.47
C ALA A 304 -4.26 -33.77 12.84
N VAL A 305 -5.15 -34.63 12.37
CA VAL A 305 -6.41 -34.21 11.79
C VAL A 305 -7.25 -33.48 12.84
N ALA A 306 -7.25 -34.01 14.05
CA ALA A 306 -8.01 -33.42 15.15
C ALA A 306 -7.37 -32.11 15.60
N ALA A 307 -6.08 -31.95 15.36
CA ALA A 307 -5.35 -30.77 15.80
C ALA A 307 -5.34 -29.67 14.75
N ILE A 308 -4.90 -30.01 13.54
CA ILE A 308 -4.82 -29.04 12.45
C ILE A 308 -6.21 -28.58 12.03
N PRO A 309 -6.47 -27.27 12.15
CA PRO A 309 -7.78 -26.71 11.78
C PRO A 309 -7.94 -26.55 10.27
N GLU A 310 -8.11 -27.66 9.56
CA GLU A 310 -8.33 -27.62 8.12
C GLU A 310 -9.66 -26.94 7.80
N GLY A 311 -9.76 -26.39 6.60
CA GLY A 311 -10.95 -25.66 6.20
C GLY A 311 -10.84 -24.19 6.53
N LEU A 312 -9.99 -23.87 7.51
CA LEU A 312 -9.73 -22.49 7.90
C LEU A 312 -9.16 -21.63 6.76
N PRO A 313 -8.21 -22.16 5.96
CA PRO A 313 -7.77 -21.34 4.82
C PRO A 313 -8.90 -21.05 3.84
N ALA A 314 -9.93 -21.89 3.82
CA ALA A 314 -11.09 -21.65 2.97
C ALA A 314 -12.00 -20.61 3.59
N VAL A 315 -12.09 -20.62 4.92
CA VAL A 315 -12.91 -19.66 5.65
C VAL A 315 -12.30 -18.27 5.60
N ILE A 316 -10.98 -18.20 5.81
CA ILE A 316 -10.25 -16.94 5.75
C ILE A 316 -10.35 -16.33 4.36
N THR A 317 -10.15 -17.15 3.34
CA THR A 317 -10.25 -16.71 1.95
C THR A 317 -11.66 -16.22 1.64
N THR A 318 -12.65 -16.89 2.23
CA THR A 318 -14.04 -16.51 2.05
C THR A 318 -14.32 -15.15 2.69
N CYS A 319 -13.81 -14.96 3.89
CA CYS A 319 -14.02 -13.71 4.64
C CYS A 319 -13.30 -12.54 3.97
N LEU A 320 -12.12 -12.81 3.43
CA LEU A 320 -11.30 -11.78 2.80
C LEU A 320 -11.90 -11.32 1.46
N ALA A 321 -12.44 -12.28 0.71
CA ALA A 321 -13.02 -11.99 -0.60
C ALA A 321 -14.26 -11.12 -0.48
N LEU A 322 -15.02 -11.33 0.59
CA LEU A 322 -16.23 -10.55 0.84
C LEU A 322 -15.91 -9.12 1.21
N GLY A 323 -14.88 -8.94 2.03
CA GLY A 323 -14.45 -7.61 2.43
C GLY A 323 -13.94 -6.80 1.26
N THR A 324 -13.28 -7.47 0.33
CA THR A 324 -12.75 -6.84 -0.87
C THR A 324 -13.89 -6.25 -1.70
N ARG A 325 -14.98 -6.98 -1.80
CA ARG A 325 -16.16 -6.53 -2.53
C ARG A 325 -16.77 -5.31 -1.85
N ARG A 326 -16.76 -5.31 -0.52
CA ARG A 326 -17.27 -4.18 0.25
C ARG A 326 -16.42 -2.93 0.04
N MET A 327 -15.11 -3.09 0.18
CA MET A 327 -14.18 -1.97 0.04
C MET A 327 -14.11 -1.47 -1.40
N ALA A 328 -14.41 -2.35 -2.35
CA ALA A 328 -14.46 -1.97 -3.75
C ALA A 328 -15.61 -1.01 -4.00
N LYS A 329 -16.68 -1.18 -3.22
CA LYS A 329 -17.82 -0.27 -3.26
C LYS A 329 -17.49 1.02 -2.52
N LYS A 330 -16.49 0.89 -1.68
CA LYS A 330 -15.99 1.99 -0.91
C LYS A 330 -14.93 2.71 -1.72
N ASN A 331 -14.63 2.18 -2.89
CA ASN A 331 -13.67 2.74 -3.78
C ASN A 331 -12.24 2.35 -3.55
N ALA A 332 -12.03 1.35 -2.71
CA ALA A 332 -10.72 0.87 -2.48
C ALA A 332 -10.63 -0.43 -3.19
N ILE A 333 -9.67 -0.57 -4.08
CA ILE A 333 -9.51 -1.80 -4.83
C ILE A 333 -8.38 -2.52 -4.19
N VAL A 334 -8.58 -3.77 -3.83
CA VAL A 334 -7.54 -4.52 -3.18
C VAL A 334 -6.90 -5.48 -4.12
N ARG A 335 -5.61 -5.42 -4.20
CA ARG A 335 -4.83 -6.34 -5.03
C ARG A 335 -4.36 -7.55 -4.24
N SER A 336 -4.14 -7.35 -2.94
CA SER A 336 -3.65 -8.41 -2.07
C SER A 336 -4.61 -8.69 -0.91
N LEU A 337 -5.16 -9.89 -0.89
CA LEU A 337 -6.11 -10.28 0.17
C LEU A 337 -5.52 -10.27 1.59
N PRO A 338 -4.30 -10.82 1.79
CA PRO A 338 -3.78 -10.80 3.17
C PRO A 338 -3.52 -9.40 3.72
N SER A 339 -3.44 -8.41 2.83
CA SER A 339 -3.17 -7.04 3.26
C SER A 339 -4.39 -6.38 3.89
N VAL A 340 -5.55 -6.94 3.62
CA VAL A 340 -6.76 -6.40 4.16
C VAL A 340 -6.76 -6.55 5.64
N GLU A 341 -6.30 -7.71 6.04
CA GLU A 341 -6.25 -8.05 7.41
C GLU A 341 -5.31 -7.15 8.13
N THR A 342 -4.18 -6.92 7.51
CA THR A 342 -3.15 -6.11 8.08
C THR A 342 -3.50 -4.68 8.23
N LEU A 343 -4.25 -4.19 7.28
CA LEU A 343 -4.53 -2.80 7.23
C LEU A 343 -5.08 -2.32 8.51
N GLY A 344 -5.83 -3.16 9.16
CA GLY A 344 -6.42 -2.79 10.41
C GLY A 344 -5.43 -2.51 11.52
N CYS A 345 -4.36 -3.27 11.58
CA CYS A 345 -3.36 -3.21 12.63
C CYS A 345 -2.37 -2.07 12.38
N THR A 346 -2.69 -1.21 11.41
CA THR A 346 -1.82 -0.10 11.05
C THR A 346 -1.72 0.92 12.18
N SER A 347 -0.49 1.34 12.49
CA SER A 347 -0.26 2.34 13.52
C SER A 347 0.34 3.62 12.93
N VAL A 348 1.10 3.46 11.86
CA VAL A 348 1.74 4.59 11.19
C VAL A 348 1.43 4.58 9.70
N ILE A 349 1.13 5.75 9.15
CA ILE A 349 0.88 5.87 7.72
C ILE A 349 1.85 6.86 7.07
N CYS A 350 2.82 6.34 6.33
CA CYS A 350 3.73 7.18 5.57
C CYS A 350 3.07 7.63 4.28
N SER A 351 2.96 8.94 4.09
CA SER A 351 2.25 9.47 2.93
C SER A 351 3.13 10.36 2.06
N ASP A 352 2.99 10.19 0.75
CA ASP A 352 3.60 11.10 -0.20
C ASP A 352 2.83 12.41 -0.22
N LYS A 353 3.50 13.50 -0.60
CA LYS A 353 2.84 14.80 -0.65
C LYS A 353 2.15 15.04 -1.98
N THR A 354 2.94 15.22 -3.03
CA THR A 354 2.41 15.59 -4.35
C THR A 354 1.60 14.45 -4.96
N GLY A 355 0.38 14.77 -5.39
CA GLY A 355 -0.50 13.80 -6.02
C GLY A 355 -1.28 12.95 -5.03
N THR A 356 -0.77 12.85 -3.81
CA THR A 356 -1.42 12.06 -2.78
C THR A 356 -2.18 12.96 -1.81
N LEU A 357 -1.44 13.79 -1.09
CA LEU A 357 -2.04 14.73 -0.14
C LEU A 357 -2.49 15.99 -0.86
N THR A 358 -1.89 16.27 -2.01
CA THR A 358 -2.21 17.47 -2.78
C THR A 358 -2.80 17.12 -4.14
N THR A 359 -3.29 18.13 -4.84
CA THR A 359 -3.99 17.94 -6.11
C THR A 359 -3.04 17.86 -7.31
N ASN A 360 -1.77 18.14 -7.06
CA ASN A 360 -0.75 18.18 -8.11
C ASN A 360 -1.11 19.17 -9.21
N GLN A 361 -1.83 20.23 -8.83
CA GLN A 361 -2.20 21.27 -9.77
C GLN A 361 -1.86 22.64 -9.20
N MET A 362 -0.84 23.28 -9.77
CA MET A 362 -0.42 24.60 -9.32
C MET A 362 -1.57 25.60 -9.39
N SER A 363 -1.81 26.28 -8.27
CA SER A 363 -2.90 27.23 -8.17
C SER A 363 -2.45 28.53 -7.52
N VAL A 364 -2.71 29.64 -8.20
CA VAL A 364 -2.47 30.96 -7.61
C VAL A 364 -3.51 31.20 -6.52
N CYS A 365 -3.05 31.28 -5.28
CA CYS A 365 -3.96 31.44 -4.16
C CYS A 365 -3.87 32.84 -3.53
N LYS A 366 -2.75 33.52 -3.79
CA LYS A 366 -2.57 34.88 -3.31
C LYS A 366 -1.89 35.76 -4.36
N MET A 367 -2.34 37.00 -4.44
CA MET A 367 -1.74 37.98 -5.34
C MET A 367 -2.00 39.39 -4.83
N PHE A 368 -1.05 40.29 -5.07
CA PHE A 368 -1.22 41.68 -4.66
C PHE A 368 -0.66 42.65 -5.67
N ILE A 369 -1.33 43.79 -5.81
CA ILE A 369 -0.83 44.88 -6.63
C ILE A 369 -0.49 46.06 -5.72
N ILE A 370 -0.37 47.25 -6.30
CA ILE A 370 -0.06 48.44 -5.51
C ILE A 370 -1.32 49.25 -5.25
N ASP A 371 -1.60 49.51 -3.97
CA ASP A 371 -2.75 50.30 -3.59
C ASP A 371 -2.45 51.79 -3.64
N LYS A 372 -1.67 52.27 -2.68
CA LYS A 372 -1.32 53.69 -2.60
C LYS A 372 0.16 53.90 -2.28
N VAL A 373 0.75 54.89 -2.92
CA VAL A 373 2.13 55.29 -2.63
C VAL A 373 2.18 56.76 -2.29
N ASP A 374 2.40 57.07 -1.01
CA ASP A 374 2.44 58.44 -0.55
C ASP A 374 3.62 58.67 0.40
N GLY A 375 4.75 59.09 -0.16
CA GLY A 375 5.95 59.33 0.61
C GLY A 375 6.57 58.05 1.14
N ASP A 376 6.77 57.99 2.45
CA ASP A 376 7.34 56.81 3.10
C ASP A 376 6.26 55.78 3.41
N PHE A 377 5.03 56.06 2.99
CA PHE A 377 3.93 55.12 3.20
C PHE A 377 3.61 54.37 1.91
N CYS A 378 3.34 53.07 2.04
CA CYS A 378 3.00 52.23 0.90
C CYS A 378 2.02 51.14 1.30
N SER A 379 0.85 51.16 0.68
CA SER A 379 -0.18 50.15 0.94
C SER A 379 -0.33 49.23 -0.27
N LEU A 380 -0.77 48.00 -0.02
CA LEU A 380 -0.91 47.02 -1.08
C LEU A 380 -2.30 46.40 -1.10
N ASN A 381 -2.86 46.25 -2.30
CA ASN A 381 -4.14 45.56 -2.47
C ASN A 381 -3.93 44.05 -2.58
N GLU A 382 -3.97 43.37 -1.45
CA GLU A 382 -3.78 41.92 -1.43
C GLU A 382 -5.07 41.19 -1.74
N PHE A 383 -4.98 40.13 -2.54
CA PHE A 383 -6.14 39.34 -2.91
C PHE A 383 -5.89 37.84 -2.68
N SER A 384 -6.96 37.10 -2.45
CA SER A 384 -6.88 35.65 -2.30
C SER A 384 -7.80 34.97 -3.31
N ILE A 385 -7.35 33.83 -3.85
CA ILE A 385 -8.11 33.13 -4.88
C ILE A 385 -8.53 31.74 -4.42
N THR A 386 -9.79 31.41 -4.65
CA THR A 386 -10.30 30.07 -4.33
C THR A 386 -10.10 29.11 -5.50
N GLY A 387 -10.12 27.82 -5.21
CA GLY A 387 -9.91 26.81 -6.23
C GLY A 387 -8.60 26.09 -6.05
N SER A 388 -8.60 24.78 -6.27
CA SER A 388 -7.40 23.97 -6.08
C SER A 388 -7.03 23.17 -7.32
N THR A 389 -7.69 23.48 -8.44
CA THR A 389 -7.42 22.79 -9.69
C THR A 389 -7.15 23.78 -10.83
N TYR A 390 -7.03 23.24 -12.05
CA TYR A 390 -6.77 24.06 -13.23
C TYR A 390 -8.06 24.59 -13.84
N ALA A 391 -9.18 24.21 -13.25
CA ALA A 391 -10.49 24.64 -13.74
C ALA A 391 -10.71 26.13 -13.51
N PRO A 392 -11.33 26.81 -14.48
CA PRO A 392 -11.69 28.24 -14.34
C PRO A 392 -12.84 28.44 -13.38
N GLU A 393 -12.80 27.77 -12.23
CA GLU A 393 -13.87 27.82 -11.26
C GLU A 393 -13.37 28.28 -9.91
N GLY A 394 -13.49 29.57 -9.64
CA GLY A 394 -13.05 30.16 -8.39
C GLY A 394 -13.41 31.63 -8.31
N GLU A 395 -13.17 32.23 -7.16
CA GLU A 395 -13.50 33.64 -6.96
C GLU A 395 -12.33 34.42 -6.40
N VAL A 396 -12.14 35.64 -6.91
CA VAL A 396 -11.11 36.55 -6.41
C VAL A 396 -11.63 37.25 -5.15
N LEU A 397 -10.95 37.04 -4.03
CA LEU A 397 -11.43 37.54 -2.75
C LEU A 397 -10.60 38.72 -2.23
N LYS A 398 -11.29 39.83 -1.96
CA LYS A 398 -10.67 40.96 -1.30
C LYS A 398 -11.13 41.00 0.15
N ASN A 399 -10.27 40.52 1.06
CA ASN A 399 -10.60 40.36 2.47
C ASN A 399 -11.86 39.50 2.66
N ASP A 400 -11.79 38.28 2.14
CA ASP A 400 -12.87 37.29 2.26
C ASP A 400 -14.19 37.79 1.66
N LYS A 401 -14.09 38.63 0.63
CA LYS A 401 -15.28 39.14 -0.05
C LYS A 401 -15.09 39.09 -1.57
N PRO A 402 -15.96 38.33 -2.25
CA PRO A 402 -15.93 38.18 -3.72
C PRO A 402 -16.12 39.49 -4.46
N ILE A 403 -15.03 40.01 -5.04
CA ILE A 403 -15.08 41.25 -5.82
C ILE A 403 -14.46 41.04 -7.19
N ARG A 404 -15.12 41.56 -8.23
CA ARG A 404 -14.64 41.43 -9.60
C ARG A 404 -13.26 42.08 -9.76
N SER A 405 -12.45 41.51 -10.65
CA SER A 405 -11.08 41.97 -10.85
C SER A 405 -11.00 43.13 -11.83
N GLY A 406 -12.08 43.36 -12.57
CA GLY A 406 -12.12 44.42 -13.56
C GLY A 406 -12.14 45.81 -12.94
N GLN A 407 -12.53 45.88 -11.68
CA GLN A 407 -12.60 47.15 -10.97
C GLN A 407 -11.22 47.66 -10.58
N PHE A 408 -10.25 46.74 -10.55
CA PHE A 408 -8.88 47.10 -10.23
C PHE A 408 -8.01 47.13 -11.48
N ASP A 409 -7.53 48.32 -11.84
CA ASP A 409 -6.74 48.50 -13.05
C ASP A 409 -5.40 47.77 -12.96
N GLY A 410 -4.89 47.62 -11.75
CA GLY A 410 -3.63 46.92 -11.52
C GLY A 410 -3.76 45.44 -11.82
N LEU A 411 -4.92 44.87 -11.51
CA LEU A 411 -5.19 43.46 -11.76
C LEU A 411 -5.40 43.21 -13.25
N VAL A 412 -5.83 44.24 -13.97
CA VAL A 412 -6.04 44.12 -15.41
C VAL A 412 -4.74 43.86 -16.14
N GLU A 413 -3.71 44.64 -15.81
CA GLU A 413 -2.41 44.49 -16.44
C GLU A 413 -1.67 43.27 -15.90
N LEU A 414 -1.97 42.91 -14.66
CA LEU A 414 -1.37 41.72 -14.04
C LEU A 414 -1.82 40.47 -14.79
N ALA A 415 -3.13 40.38 -15.03
CA ALA A 415 -3.70 39.25 -15.77
C ALA A 415 -3.21 39.25 -17.21
N THR A 416 -2.92 40.45 -17.72
CA THR A 416 -2.41 40.60 -19.08
C THR A 416 -1.05 39.93 -19.22
N ILE A 417 -0.16 40.17 -18.26
CA ILE A 417 1.16 39.55 -18.26
C ILE A 417 1.04 38.03 -18.13
N CYS A 418 0.15 37.58 -17.25
CA CYS A 418 -0.05 36.16 -17.01
C CYS A 418 -0.56 35.43 -18.25
N ALA A 419 -1.20 36.17 -19.14
CA ALA A 419 -1.73 35.59 -20.37
C ALA A 419 -0.73 35.69 -21.51
N LEU A 420 -0.08 36.84 -21.64
CA LEU A 420 0.87 37.07 -22.72
C LEU A 420 2.22 36.40 -22.44
N CYS A 421 2.83 36.77 -21.32
CA CYS A 421 4.11 36.15 -20.93
C CYS A 421 3.87 34.73 -20.45
N ASN A 422 3.51 33.85 -21.38
CA ASN A 422 3.13 32.49 -21.05
C ASN A 422 3.19 31.57 -22.28
N ASP A 423 4.05 30.55 -22.21
CA ASP A 423 4.20 29.61 -23.32
C ASP A 423 3.26 28.41 -23.17
N SER A 424 2.55 28.35 -22.04
CA SER A 424 1.64 27.25 -21.78
C SER A 424 0.19 27.67 -22.01
N SER A 425 -0.72 26.71 -21.87
CA SER A 425 -2.13 26.96 -22.10
C SER A 425 -3.02 25.99 -21.32
N LEU A 426 -4.32 26.25 -21.32
CA LEU A 426 -5.27 25.40 -20.62
C LEU A 426 -6.12 24.61 -21.62
N ASP A 427 -6.45 23.38 -21.26
CA ASP A 427 -7.24 22.53 -22.14
C ASP A 427 -8.23 21.68 -21.35
N PHE A 428 -9.38 21.42 -21.96
CA PHE A 428 -10.42 20.62 -21.33
C PHE A 428 -10.53 19.25 -21.98
N ASN A 429 -10.07 18.22 -21.28
CA ASN A 429 -10.18 16.85 -21.75
C ASN A 429 -11.63 16.39 -21.73
N GLU A 430 -12.26 16.39 -22.90
CA GLU A 430 -13.68 16.05 -23.00
C GLU A 430 -13.94 14.59 -22.66
N THR A 431 -12.91 13.75 -22.78
CA THR A 431 -13.02 12.35 -22.43
C THR A 431 -13.08 12.18 -20.91
N LYS A 432 -12.15 12.82 -20.22
CA LYS A 432 -12.09 12.75 -18.76
C LYS A 432 -13.03 13.75 -18.11
N GLY A 433 -13.45 14.75 -18.88
CA GLY A 433 -14.39 15.75 -18.39
C GLY A 433 -13.78 16.75 -17.43
N VAL A 434 -12.45 16.82 -17.42
CA VAL A 434 -11.76 17.74 -16.52
C VAL A 434 -10.76 18.61 -17.29
N TYR A 435 -10.44 19.77 -16.72
CA TYR A 435 -9.46 20.67 -17.33
C TYR A 435 -8.05 20.18 -17.06
N GLU A 436 -7.25 20.10 -18.12
CA GLU A 436 -5.86 19.67 -17.99
C GLU A 436 -4.90 20.76 -18.45
N LYS A 437 -3.63 20.63 -18.07
CA LYS A 437 -2.63 21.61 -18.42
C LYS A 437 -1.93 21.27 -19.73
N VAL A 438 -1.41 22.30 -20.39
CA VAL A 438 -0.62 22.12 -21.60
C VAL A 438 0.70 22.87 -21.46
N GLY A 439 1.74 22.17 -21.03
CA GLY A 439 3.03 22.77 -20.81
C GLY A 439 3.43 22.81 -19.35
N GLU A 440 4.12 23.88 -18.96
CA GLU A 440 4.57 24.04 -17.58
C GLU A 440 3.40 24.26 -16.62
N ALA A 441 3.39 23.49 -15.53
CA ALA A 441 2.33 23.58 -14.54
C ALA A 441 2.29 24.94 -13.88
N THR A 442 3.46 25.55 -13.68
CA THR A 442 3.55 26.86 -13.05
C THR A 442 3.06 27.95 -13.99
N GLU A 443 2.99 27.63 -15.28
CA GLU A 443 2.52 28.59 -16.28
C GLU A 443 1.03 28.44 -16.53
N THR A 444 0.55 27.20 -16.49
CA THR A 444 -0.88 26.93 -16.67
C THR A 444 -1.66 27.54 -15.51
N ALA A 445 -1.03 27.61 -14.35
CA ALA A 445 -1.62 28.23 -13.17
C ALA A 445 -1.97 29.69 -13.46
N LEU A 446 -1.14 30.35 -14.27
CA LEU A 446 -1.40 31.71 -14.69
C LEU A 446 -2.58 31.76 -15.65
N THR A 447 -2.66 30.77 -16.54
CA THR A 447 -3.75 30.68 -17.50
C THR A 447 -5.09 30.49 -16.78
N THR A 448 -5.10 29.62 -15.78
CA THR A 448 -6.29 29.39 -14.97
C THR A 448 -6.66 30.64 -14.18
N LEU A 449 -5.64 31.34 -13.69
CA LEU A 449 -5.84 32.57 -12.93
C LEU A 449 -6.55 33.63 -13.77
N VAL A 450 -6.11 33.79 -15.00
CA VAL A 450 -6.70 34.76 -15.93
C VAL A 450 -8.18 34.48 -16.14
N GLU A 451 -8.52 33.21 -16.31
CA GLU A 451 -9.91 32.80 -16.51
C GLU A 451 -10.76 33.07 -15.26
N LYS A 452 -10.19 32.81 -14.09
CA LYS A 452 -10.88 33.07 -12.83
C LYS A 452 -11.13 34.55 -12.63
N MET A 453 -10.12 35.36 -12.94
CA MET A 453 -10.20 36.80 -12.73
C MET A 453 -11.24 37.45 -13.65
N ASN A 454 -11.06 37.27 -14.95
CA ASN A 454 -11.95 37.86 -15.96
C ASN A 454 -12.06 39.37 -15.76
N VAL A 455 -11.01 40.10 -16.14
CA VAL A 455 -10.93 41.53 -15.88
C VAL A 455 -11.75 42.37 -16.85
N PHE A 456 -12.36 41.71 -17.84
CA PHE A 456 -13.15 42.42 -18.83
C PHE A 456 -14.64 42.08 -18.72
N ASN A 457 -14.99 41.35 -17.68
CA ASN A 457 -16.38 40.97 -17.39
C ASN A 457 -17.05 40.26 -18.56
N THR A 458 -16.29 39.41 -19.24
CA THR A 458 -16.81 38.65 -20.37
C THR A 458 -17.84 37.63 -19.91
N GLU A 459 -19.01 37.64 -20.55
CA GLU A 459 -20.06 36.67 -20.24
C GLU A 459 -19.60 35.26 -20.58
N VAL A 460 -19.29 34.48 -19.55
CA VAL A 460 -18.71 33.16 -19.75
C VAL A 460 -19.54 32.03 -19.12
N ARG A 461 -20.70 32.38 -18.56
CA ARG A 461 -21.56 31.37 -17.96
C ARG A 461 -22.34 30.62 -19.02
N ASN A 462 -22.46 31.22 -20.20
CA ASN A 462 -23.20 30.60 -21.30
C ASN A 462 -22.29 29.75 -22.18
N LEU A 463 -20.99 30.00 -22.08
CA LEU A 463 -20.01 29.26 -22.87
C LEU A 463 -19.86 27.82 -22.38
N SER A 464 -19.45 26.93 -23.27
CA SER A 464 -19.21 25.54 -22.91
C SER A 464 -17.91 25.41 -22.13
N LYS A 465 -17.66 24.21 -21.59
CA LYS A 465 -16.46 23.97 -20.81
C LYS A 465 -15.21 24.00 -21.69
N VAL A 466 -15.39 23.70 -22.98
CA VAL A 466 -14.28 23.72 -23.92
C VAL A 466 -13.85 25.15 -24.22
N GLU A 467 -14.83 26.02 -24.45
CA GLU A 467 -14.56 27.42 -24.73
C GLU A 467 -14.11 28.17 -23.49
N ARG A 468 -14.63 27.76 -22.34
CA ARG A 468 -14.33 28.40 -21.06
C ARG A 468 -12.85 28.28 -20.69
N ALA A 469 -12.20 27.25 -21.21
CA ALA A 469 -10.81 26.95 -20.88
C ALA A 469 -9.87 28.11 -21.23
N ASN A 470 -10.04 28.66 -22.43
CA ASN A 470 -9.17 29.75 -22.88
C ASN A 470 -9.96 30.94 -23.41
N ALA A 471 -11.10 31.21 -22.79
CA ALA A 471 -11.96 32.32 -23.21
C ALA A 471 -11.36 33.67 -22.86
N CYS A 472 -11.13 33.89 -21.57
CA CYS A 472 -10.59 35.16 -21.08
C CYS A 472 -9.17 35.39 -21.59
N ASN A 473 -8.42 34.30 -21.78
CA ASN A 473 -7.07 34.39 -22.31
C ASN A 473 -7.07 34.79 -23.77
N SER A 474 -8.12 34.41 -24.49
CA SER A 474 -8.25 34.75 -25.91
C SER A 474 -8.46 36.24 -26.09
N VAL A 475 -9.27 36.83 -25.21
CA VAL A 475 -9.60 38.25 -25.29
C VAL A 475 -8.36 39.13 -25.11
N ILE A 476 -7.47 38.72 -24.20
CA ILE A 476 -6.24 39.46 -23.94
C ILE A 476 -5.31 39.41 -25.14
N ARG A 477 -5.34 38.30 -25.87
CA ARG A 477 -4.54 38.16 -27.08
C ARG A 477 -5.05 39.05 -28.20
N GLN A 478 -6.30 39.49 -28.10
CA GLN A 478 -6.91 40.34 -29.11
C GLN A 478 -6.55 41.80 -28.91
N LEU A 479 -5.82 42.10 -27.84
CA LEU A 479 -5.40 43.46 -27.55
C LEU A 479 -3.93 43.66 -27.91
N MET A 480 -3.09 42.73 -27.46
CA MET A 480 -1.66 42.79 -27.74
C MET A 480 -1.21 41.57 -28.54
N LYS A 481 -0.57 41.80 -29.68
CA LYS A 481 -0.07 40.72 -30.50
C LYS A 481 1.36 40.36 -30.11
N LYS A 482 1.58 39.08 -29.79
CA LYS A 482 2.89 38.61 -29.39
C LYS A 482 3.85 38.53 -30.58
N GLU A 483 4.79 39.46 -30.64
CA GLU A 483 5.78 39.48 -31.72
C GLU A 483 6.81 38.38 -31.53
N PHE A 484 7.64 38.52 -30.50
CA PHE A 484 8.64 37.51 -30.17
C PHE A 484 8.80 37.41 -28.66
N THR A 485 9.42 36.32 -28.19
CA THR A 485 9.63 36.14 -26.78
C THR A 485 11.08 35.90 -26.48
N LEU A 486 11.59 36.45 -25.41
CA LEU A 486 12.96 36.21 -25.05
C LEU A 486 12.80 35.17 -24.01
N GLU A 487 13.28 33.98 -24.24
CA GLU A 487 13.07 32.91 -23.29
C GLU A 487 13.89 33.06 -22.06
N PHE A 488 13.63 32.16 -21.14
CA PHE A 488 14.21 32.16 -19.80
C PHE A 488 15.70 31.86 -19.83
N SER A 489 16.43 32.45 -18.89
CA SER A 489 17.85 32.18 -18.74
C SER A 489 18.24 32.18 -17.26
N ARG A 490 19.27 31.41 -16.92
CA ARG A 490 19.67 31.22 -15.53
C ARG A 490 20.22 32.49 -14.88
N ASP A 491 21.00 33.25 -15.64
CA ASP A 491 21.62 34.47 -15.13
C ASP A 491 20.57 35.55 -14.84
N ARG A 492 19.47 35.49 -15.57
CA ARG A 492 18.44 36.53 -15.49
C ARG A 492 17.33 36.14 -14.51
N LYS A 493 17.06 34.84 -14.44
CA LYS A 493 16.01 34.30 -13.58
C LYS A 493 14.64 34.91 -13.91
N SER A 494 14.41 35.18 -15.19
CA SER A 494 13.13 35.74 -15.62
C SER A 494 12.86 35.50 -17.11
N MET A 495 11.72 36.00 -17.57
CA MET A 495 11.27 35.79 -18.94
C MET A 495 10.43 36.99 -19.39
N SER A 496 10.46 37.30 -20.68
CA SER A 496 9.67 38.42 -21.19
C SER A 496 9.11 38.15 -22.58
N VAL A 497 8.09 38.93 -22.95
CA VAL A 497 7.49 38.84 -24.27
C VAL A 497 7.34 40.22 -24.89
N TYR A 498 7.62 40.34 -26.18
CA TYR A 498 7.49 41.60 -26.89
C TYR A 498 6.15 41.65 -27.62
N CYS A 499 5.27 42.54 -27.17
CA CYS A 499 3.92 42.60 -27.71
C CYS A 499 3.63 43.92 -28.41
N SER A 500 2.70 43.86 -29.37
CA SER A 500 2.30 45.04 -30.13
C SER A 500 0.78 45.17 -30.15
N PRO A 501 0.27 46.40 -30.05
CA PRO A 501 -1.17 46.68 -30.10
C PRO A 501 -1.83 46.11 -31.36
N ALA A 502 -3.06 45.64 -31.22
CA ALA A 502 -3.76 44.99 -32.32
C ALA A 502 -4.11 45.96 -33.44
N LYS A 503 -3.79 45.57 -34.67
CA LYS A 503 -4.12 46.34 -35.86
C LYS A 503 -3.55 47.75 -35.84
N SER A 504 -2.29 47.88 -36.20
CA SER A 504 -1.63 49.18 -36.24
C SER A 504 -0.61 49.24 -37.38
N SER A 505 0.00 50.41 -37.55
CA SER A 505 0.98 50.59 -38.62
C SER A 505 2.33 49.99 -38.25
N ARG A 506 3.19 49.80 -39.26
CA ARG A 506 4.52 49.24 -39.04
C ARG A 506 5.57 50.33 -38.87
N ALA A 507 5.20 51.39 -38.16
CA ALA A 507 6.10 52.51 -37.92
C ALA A 507 5.69 53.30 -36.69
N ALA A 508 4.70 52.79 -35.95
CA ALA A 508 4.20 53.45 -34.76
C ALA A 508 5.12 53.19 -33.56
N VAL A 509 4.71 53.64 -32.39
CA VAL A 509 5.49 53.46 -31.18
C VAL A 509 4.58 53.19 -29.97
N GLY A 510 3.95 52.02 -29.98
CA GLY A 510 3.06 51.64 -28.89
C GLY A 510 3.26 50.20 -28.47
N ASN A 511 4.51 49.75 -28.49
CA ASN A 511 4.84 48.38 -28.10
C ASN A 511 5.12 48.27 -26.61
N LYS A 512 4.97 47.06 -26.08
CA LYS A 512 5.19 46.82 -24.65
C LYS A 512 5.94 45.51 -24.42
N MET A 513 6.60 45.41 -23.28
CA MET A 513 7.20 44.15 -22.85
C MET A 513 6.60 43.70 -21.54
N PHE A 514 6.57 42.38 -21.31
CA PHE A 514 5.95 41.84 -20.11
C PHE A 514 6.86 40.83 -19.44
N VAL A 515 7.51 41.26 -18.36
CA VAL A 515 8.53 40.45 -17.68
C VAL A 515 7.93 39.60 -16.55
N LYS A 516 8.43 38.38 -16.42
CA LYS A 516 8.00 37.47 -15.37
C LYS A 516 9.19 36.64 -14.86
N GLY A 517 9.39 36.62 -13.56
CA GLY A 517 10.49 35.86 -12.98
C GLY A 517 10.58 35.94 -11.47
N ALA A 518 11.78 35.67 -10.94
CA ALA A 518 12.01 35.71 -9.50
C ALA A 518 11.94 37.14 -8.98
N PRO A 519 11.31 37.33 -7.81
CA PRO A 519 11.13 38.65 -7.19
C PRO A 519 12.43 39.43 -7.01
N GLU A 520 13.48 38.75 -6.57
CA GLU A 520 14.76 39.40 -6.30
C GLU A 520 15.31 40.09 -7.54
N GLY A 521 15.44 39.34 -8.63
CA GLY A 521 16.01 39.86 -9.86
C GLY A 521 15.15 40.88 -10.58
N VAL A 522 13.85 40.59 -10.68
CA VAL A 522 12.93 41.44 -11.44
C VAL A 522 12.75 42.82 -10.78
N ILE A 523 12.44 42.82 -9.49
CA ILE A 523 12.20 44.07 -8.76
C ILE A 523 13.44 44.96 -8.76
N ASP A 524 14.62 44.34 -8.69
CA ASP A 524 15.87 45.09 -8.73
C ASP A 524 16.03 45.80 -10.07
N ARG A 525 15.43 45.23 -11.12
CA ARG A 525 15.49 45.82 -12.44
C ARG A 525 14.28 46.74 -12.69
N CYS A 526 13.47 46.93 -11.65
CA CYS A 526 12.34 47.83 -11.73
C CYS A 526 12.70 49.21 -11.17
N ASN A 527 12.58 50.23 -12.02
CA ASN A 527 12.84 51.60 -11.60
C ASN A 527 11.56 52.38 -11.39
N TYR A 528 10.42 51.71 -11.55
CA TYR A 528 9.13 52.34 -11.39
C TYR A 528 8.11 51.43 -10.71
N VAL A 529 7.00 52.02 -10.29
CA VAL A 529 5.91 51.29 -9.65
C VAL A 529 4.57 51.71 -10.25
N ARG A 530 3.73 50.73 -10.57
CA ARG A 530 2.44 51.02 -11.19
C ARG A 530 1.30 51.06 -10.17
N VAL A 531 0.56 52.16 -10.18
CA VAL A 531 -0.63 52.31 -9.34
C VAL A 531 -1.87 52.42 -10.22
N GLY A 532 -2.54 51.29 -10.43
CA GLY A 532 -3.67 51.24 -11.34
C GLY A 532 -3.23 51.36 -12.78
N THR A 533 -3.17 52.60 -13.27
CA THR A 533 -2.69 52.86 -14.61
C THR A 533 -1.55 53.86 -14.59
N THR A 534 -1.45 54.61 -13.50
CA THR A 534 -0.41 55.61 -13.34
C THR A 534 0.94 54.95 -13.02
N ARG A 535 1.99 55.76 -13.02
CA ARG A 535 3.34 55.25 -12.74
C ARG A 535 4.09 56.16 -11.76
N VAL A 536 4.70 55.56 -10.76
CA VAL A 536 5.52 56.28 -9.79
C VAL A 536 6.89 55.62 -9.67
N PRO A 537 7.93 56.41 -9.37
CA PRO A 537 9.29 55.86 -9.24
C PRO A 537 9.43 54.92 -8.05
N MET A 538 10.30 53.91 -8.20
CA MET A 538 10.58 52.97 -7.13
C MET A 538 11.45 53.61 -6.04
N THR A 539 10.94 53.64 -4.82
CA THR A 539 11.69 54.23 -3.71
C THR A 539 11.99 53.22 -2.62
N GLY A 540 12.67 53.68 -1.57
CA GLY A 540 13.04 52.82 -0.46
C GLY A 540 11.88 52.15 0.25
N PRO A 541 11.04 52.93 0.95
CA PRO A 541 9.88 52.42 1.68
C PRO A 541 8.95 51.56 0.83
N VAL A 542 8.78 51.92 -0.43
CA VAL A 542 7.96 51.14 -1.35
C VAL A 542 8.55 49.76 -1.59
N LYS A 543 9.82 49.73 -1.96
CA LYS A 543 10.52 48.48 -2.24
C LYS A 543 10.54 47.57 -1.01
N GLU A 544 10.74 48.17 0.16
CA GLU A 544 10.77 47.42 1.41
C GLU A 544 9.41 46.78 1.70
N LYS A 545 8.35 47.53 1.45
CA LYS A 545 6.99 47.05 1.69
C LYS A 545 6.67 45.89 0.75
N ILE A 546 7.10 46.01 -0.50
CA ILE A 546 6.89 44.96 -1.48
C ILE A 546 7.61 43.68 -1.07
N LEU A 547 8.91 43.79 -0.88
CA LEU A 547 9.75 42.64 -0.54
C LEU A 547 9.36 41.97 0.77
N SER A 548 8.79 42.76 1.69
CA SER A 548 8.38 42.24 2.99
C SER A 548 7.28 41.19 2.85
N VAL A 549 6.26 41.53 2.07
CA VAL A 549 5.13 40.62 1.83
C VAL A 549 5.59 39.41 1.04
N ILE A 550 6.58 39.61 0.16
CA ILE A 550 7.17 38.51 -0.59
C ILE A 550 7.78 37.49 0.36
N LYS A 551 8.51 37.99 1.35
CA LYS A 551 9.16 37.15 2.34
C LYS A 551 8.14 36.49 3.26
N GLU A 552 7.05 37.20 3.53
CA GLU A 552 5.98 36.66 4.37
C GLU A 552 5.17 35.61 3.62
N TRP A 553 5.09 35.76 2.30
CA TRP A 553 4.37 34.80 1.47
C TRP A 553 5.27 33.64 1.08
N GLY A 554 6.55 33.92 0.89
CA GLY A 554 7.51 32.91 0.48
C GLY A 554 7.94 32.01 1.62
N THR A 555 7.61 32.41 2.84
CA THR A 555 7.97 31.65 4.03
C THR A 555 6.80 31.54 5.00
N GLY A 556 7.05 30.92 6.15
CA GLY A 556 6.06 30.81 7.20
C GLY A 556 4.94 29.84 6.90
N ARG A 557 3.74 30.17 7.36
CA ARG A 557 2.57 29.31 7.17
C ARG A 557 2.16 29.24 5.70
N ASP A 558 2.51 30.26 4.94
CA ASP A 558 2.20 30.31 3.52
C ASP A 558 3.21 29.50 2.71
N THR A 559 4.43 30.02 2.61
CA THR A 559 5.49 29.42 1.80
C THR A 559 5.00 29.14 0.38
N LEU A 560 4.95 30.20 -0.42
CA LEU A 560 4.45 30.10 -1.78
C LEU A 560 5.53 30.44 -2.80
N ARG A 561 5.40 29.90 -4.01
CA ARG A 561 6.27 30.28 -5.11
C ARG A 561 5.83 31.63 -5.65
N CYS A 562 6.59 32.67 -5.33
CA CYS A 562 6.22 34.03 -5.69
C CYS A 562 6.86 34.47 -7.00
N LEU A 563 6.06 35.08 -7.87
CA LEU A 563 6.53 35.57 -9.16
C LEU A 563 6.30 37.07 -9.30
N ALA A 564 7.38 37.82 -9.51
CA ALA A 564 7.27 39.26 -9.75
C ALA A 564 6.84 39.53 -11.19
N LEU A 565 5.78 40.31 -11.34
CA LEU A 565 5.28 40.66 -12.67
C LEU A 565 5.49 42.14 -12.95
N ALA A 566 6.14 42.44 -14.07
CA ALA A 566 6.46 43.81 -14.43
C ALA A 566 6.34 44.04 -15.93
N THR A 567 6.25 45.31 -16.32
CA THR A 567 6.17 45.67 -17.73
C THR A 567 7.21 46.73 -18.08
N ARG A 568 7.72 46.67 -19.31
CA ARG A 568 8.57 47.74 -19.82
C ARG A 568 7.77 48.59 -20.79
N ASP A 569 7.36 49.77 -20.32
CA ASP A 569 6.50 50.65 -21.10
C ASP A 569 7.19 51.19 -22.33
N THR A 570 8.52 51.30 -22.27
CA THR A 570 9.29 51.77 -23.42
C THR A 570 10.35 50.74 -23.81
N PRO A 571 9.93 49.71 -24.56
CA PRO A 571 10.85 48.67 -25.03
C PRO A 571 11.75 49.18 -26.14
N PRO A 572 12.98 48.63 -26.24
CA PRO A 572 13.93 49.01 -27.29
C PRO A 572 13.40 48.72 -28.69
N LYS A 573 13.97 49.38 -29.69
CA LYS A 573 13.59 49.12 -31.08
C LYS A 573 13.91 47.69 -31.45
N ARG A 574 13.03 47.06 -32.22
CA ARG A 574 13.20 45.67 -32.61
C ARG A 574 14.43 45.48 -33.49
N GLU A 575 14.83 46.56 -34.16
CA GLU A 575 15.98 46.52 -35.06
C GLU A 575 17.30 46.48 -34.31
N GLU A 576 17.31 46.99 -33.08
CA GLU A 576 18.53 47.04 -32.28
C GLU A 576 18.51 46.02 -31.15
N MET A 577 17.85 44.90 -31.38
CA MET A 577 17.79 43.83 -30.38
C MET A 577 18.27 42.50 -30.96
N VAL A 578 19.32 41.94 -30.35
CA VAL A 578 19.85 40.66 -30.78
C VAL A 578 19.08 39.52 -30.12
N LEU A 579 18.34 38.75 -30.92
CA LEU A 579 17.50 37.69 -30.39
C LEU A 579 18.18 36.33 -30.42
N ASP A 580 19.30 36.24 -31.12
CA ASP A 580 20.04 34.98 -31.20
C ASP A 580 21.02 34.83 -30.04
N ASP A 581 21.15 35.89 -29.24
CA ASP A 581 22.03 35.86 -28.07
C ASP A 581 21.23 36.12 -26.80
N SER A 582 21.21 35.14 -25.91
CA SER A 582 20.39 35.22 -24.69
C SER A 582 21.08 35.99 -23.57
N SER A 583 22.37 36.24 -23.72
CA SER A 583 23.14 36.94 -22.70
C SER A 583 22.78 38.42 -22.65
N ARG A 584 22.14 38.90 -23.69
CA ARG A 584 21.77 40.31 -23.80
C ARG A 584 20.31 40.55 -23.40
N PHE A 585 19.62 39.47 -23.03
CA PHE A 585 18.20 39.56 -22.71
C PHE A 585 17.94 40.28 -21.38
N MET A 586 18.88 40.19 -20.46
CA MET A 586 18.73 40.84 -19.16
C MET A 586 18.81 42.36 -19.33
N GLU A 587 19.65 42.81 -20.25
CA GLU A 587 19.78 44.23 -20.55
C GLU A 587 18.49 44.75 -21.16
N TYR A 588 17.80 43.89 -21.91
CA TYR A 588 16.53 44.24 -22.52
C TYR A 588 15.43 44.35 -21.47
N GLU A 589 15.63 43.65 -20.35
CA GLU A 589 14.65 43.66 -19.27
C GLU A 589 15.07 44.58 -18.13
N THR A 590 15.52 45.79 -18.48
CA THR A 590 15.89 46.78 -17.48
C THR A 590 14.91 47.96 -17.52
N ASP A 591 15.00 48.82 -16.51
CA ASP A 591 14.12 49.98 -16.40
C ASP A 591 12.66 49.56 -16.44
N LEU A 592 12.30 48.59 -15.59
CA LEU A 592 10.98 48.00 -15.61
C LEU A 592 9.99 48.74 -14.72
N THR A 593 8.71 48.38 -14.84
CA THR A 593 7.66 48.94 -14.01
C THR A 593 6.92 47.83 -13.28
N PHE A 594 7.11 47.79 -11.96
CA PHE A 594 6.48 46.76 -11.13
C PHE A 594 4.96 46.83 -11.19
N VAL A 595 4.34 45.69 -11.47
CA VAL A 595 2.88 45.62 -11.57
C VAL A 595 2.28 44.93 -10.35
N GLY A 596 2.81 43.76 -10.02
CA GLY A 596 2.33 42.99 -8.88
C GLY A 596 3.06 41.68 -8.73
N VAL A 597 2.60 40.86 -7.80
CA VAL A 597 3.21 39.55 -7.55
C VAL A 597 2.16 38.48 -7.32
N VAL A 598 2.27 37.37 -8.05
CA VAL A 598 1.39 36.24 -7.85
C VAL A 598 2.07 35.17 -7.00
N GLY A 599 1.29 34.55 -6.11
CA GLY A 599 1.79 33.49 -5.26
C GLY A 599 1.04 32.20 -5.51
N MET A 600 1.78 31.15 -5.85
CA MET A 600 1.16 29.87 -6.19
C MET A 600 1.65 28.74 -5.30
N LEU A 601 0.90 27.64 -5.32
CA LEU A 601 1.22 26.47 -4.51
C LEU A 601 0.47 25.26 -5.04
N ASP A 602 0.95 24.06 -4.70
CA ASP A 602 0.22 22.83 -4.96
C ASP A 602 -0.64 22.51 -3.74
N PRO A 603 -1.91 22.94 -3.78
CA PRO A 603 -2.78 22.91 -2.59
C PRO A 603 -3.19 21.49 -2.20
N PRO A 604 -3.39 21.25 -0.90
CA PRO A 604 -3.85 19.96 -0.41
C PRO A 604 -5.29 19.69 -0.81
N ARG A 605 -5.67 18.42 -0.91
CA ARG A 605 -7.04 18.07 -1.23
C ARG A 605 -7.97 18.47 -0.08
N LYS A 606 -9.20 18.80 -0.43
CA LYS A 606 -10.15 19.39 0.52
C LYS A 606 -10.47 18.48 1.71
N GLU A 607 -10.31 17.18 1.52
CA GLU A 607 -10.71 16.20 2.54
C GLU A 607 -9.54 15.54 3.27
N VAL A 608 -8.35 16.10 3.11
CA VAL A 608 -7.15 15.51 3.72
C VAL A 608 -7.06 15.83 5.21
N MET A 609 -7.25 17.10 5.55
CA MET A 609 -7.11 17.55 6.94
C MET A 609 -8.01 16.77 7.90
N GLY A 610 -9.26 16.55 7.50
CA GLY A 610 -10.20 15.80 8.32
C GLY A 610 -9.84 14.33 8.40
N SER A 611 -9.29 13.80 7.30
CA SER A 611 -8.92 12.39 7.23
C SER A 611 -7.78 12.07 8.18
N ILE A 612 -6.79 12.96 8.24
CA ILE A 612 -5.65 12.80 9.13
C ILE A 612 -6.10 12.86 10.59
N GLN A 613 -7.05 13.74 10.87
CA GLN A 613 -7.60 13.87 12.21
C GLN A 613 -8.29 12.59 12.64
N LEU A 614 -8.98 11.95 11.71
CA LEU A 614 -9.65 10.67 12.00
C LEU A 614 -8.63 9.60 12.33
N CYS A 615 -7.48 9.66 11.66
CA CYS A 615 -6.39 8.71 11.92
C CYS A 615 -5.81 8.94 13.32
N ARG A 616 -5.67 10.20 13.70
CA ARG A 616 -5.14 10.55 15.02
C ARG A 616 -6.10 10.10 16.11
N ASP A 617 -7.39 10.22 15.86
CA ASP A 617 -8.40 9.75 16.79
C ASP A 617 -8.38 8.23 16.88
N ALA A 618 -7.97 7.59 15.79
CA ALA A 618 -7.86 6.14 15.76
C ALA A 618 -6.48 5.69 16.23
N GLY A 619 -5.67 6.65 16.67
CA GLY A 619 -4.34 6.35 17.19
C GLY A 619 -3.33 6.07 16.11
N ILE A 620 -3.51 6.68 14.94
CA ILE A 620 -2.61 6.47 13.82
C ILE A 620 -1.92 7.76 13.40
N ARG A 621 -0.59 7.77 13.48
CA ARG A 621 0.20 8.93 13.09
C ARG A 621 0.50 8.90 11.59
N VAL A 622 0.61 10.08 10.99
CA VAL A 622 0.90 10.18 9.57
C VAL A 622 2.20 10.94 9.32
N ILE A 623 3.11 10.30 8.60
CA ILE A 623 4.41 10.89 8.31
C ILE A 623 4.54 11.25 6.83
N MET A 624 4.79 12.52 6.54
CA MET A 624 5.00 12.94 5.16
C MET A 624 6.42 12.67 4.70
N ILE A 625 6.56 11.93 3.61
CA ILE A 625 7.86 11.72 2.99
C ILE A 625 7.80 12.14 1.54
N THR A 626 8.32 13.32 1.23
CA THR A 626 8.22 13.88 -0.11
C THR A 626 9.58 14.20 -0.72
N GLY A 627 9.62 14.25 -2.05
CA GLY A 627 10.82 14.64 -2.77
C GLY A 627 10.86 16.15 -2.94
N ASP A 628 9.77 16.80 -2.57
CA ASP A 628 9.68 18.26 -2.63
C ASP A 628 10.50 18.89 -1.51
N ASN A 629 10.73 20.18 -1.60
CA ASN A 629 11.55 20.89 -0.62
C ASN A 629 10.91 20.89 0.77
N LYS A 630 11.73 21.15 1.79
CA LYS A 630 11.27 21.11 3.18
C LYS A 630 10.35 22.29 3.49
N GLY A 631 10.53 23.39 2.75
CA GLY A 631 9.71 24.57 2.94
C GLY A 631 8.23 24.30 2.72
N THR A 632 7.89 23.85 1.52
CA THR A 632 6.51 23.57 1.17
C THR A 632 5.98 22.35 1.93
N ALA A 633 6.88 21.43 2.25
CA ALA A 633 6.50 20.21 2.96
C ALA A 633 5.95 20.51 4.34
N ILE A 634 6.72 21.27 5.13
CA ILE A 634 6.29 21.66 6.47
C ILE A 634 5.04 22.53 6.39
N ALA A 635 4.98 23.40 5.39
CA ALA A 635 3.85 24.30 5.22
C ALA A 635 2.55 23.53 4.98
N ILE A 636 2.64 22.47 4.17
CA ILE A 636 1.48 21.63 3.90
C ILE A 636 1.07 20.85 5.15
N CYS A 637 2.06 20.37 5.89
CA CYS A 637 1.82 19.63 7.13
C CYS A 637 1.00 20.44 8.12
N ARG A 638 1.26 21.73 8.18
CA ARG A 638 0.52 22.63 9.07
C ARG A 638 -0.90 22.83 8.56
N ARG A 639 -1.05 22.86 7.24
CA ARG A 639 -2.36 23.04 6.62
C ARG A 639 -3.27 21.84 6.85
N ILE A 640 -2.70 20.65 6.77
CA ILE A 640 -3.48 19.42 6.89
C ILE A 640 -3.48 18.87 8.31
N GLY A 641 -2.79 19.55 9.21
CA GLY A 641 -2.84 19.21 10.63
C GLY A 641 -1.82 18.21 11.12
N ILE A 642 -0.81 17.92 10.31
CA ILE A 642 0.28 17.06 10.75
C ILE A 642 1.11 17.81 11.79
N PHE A 643 1.25 19.11 11.59
CA PHE A 643 1.92 19.98 12.54
C PHE A 643 0.96 21.07 13.04
N GLY A 644 1.30 21.68 14.16
CA GLY A 644 0.53 22.80 14.66
C GLY A 644 0.89 24.06 13.89
N GLU A 645 -0.03 25.02 13.85
CA GLU A 645 0.20 26.26 13.12
C GLU A 645 1.31 27.08 13.75
N ASN A 646 1.57 26.85 15.02
CA ASN A 646 2.65 27.54 15.73
C ASN A 646 3.61 26.57 16.41
N GLU A 647 3.50 25.30 16.03
CA GLU A 647 4.33 24.24 16.61
C GLU A 647 5.77 24.29 16.10
N GLU A 648 6.71 24.19 17.01
CA GLU A 648 8.13 24.14 16.64
C GLU A 648 8.48 22.75 16.12
N VAL A 649 9.10 22.71 14.95
CA VAL A 649 9.43 21.44 14.31
C VAL A 649 10.91 21.36 13.91
N ALA A 650 11.76 21.97 14.72
CA ALA A 650 13.19 21.99 14.47
C ALA A 650 13.79 20.59 14.45
N ASP A 651 13.25 19.72 15.32
CA ASP A 651 13.72 18.34 15.41
C ASP A 651 12.63 17.36 14.97
N ARG A 652 11.59 17.89 14.34
CA ARG A 652 10.49 17.05 13.88
C ARG A 652 10.36 17.09 12.36
N ALA A 653 11.39 17.63 11.70
CA ALA A 653 11.41 17.70 10.25
C ALA A 653 12.84 17.70 9.73
N TYR A 654 13.17 16.71 8.90
CA TYR A 654 14.51 16.59 8.34
C TYR A 654 14.47 16.44 6.82
N THR A 655 15.53 16.87 6.16
CA THR A 655 15.72 16.58 4.75
C THR A 655 16.47 15.27 4.63
N GLY A 656 16.47 14.67 3.44
CA GLY A 656 17.18 13.43 3.21
C GLY A 656 18.66 13.60 3.50
N ARG A 657 19.18 14.79 3.22
CA ARG A 657 20.58 15.11 3.47
C ARG A 657 20.85 15.20 4.96
N GLU A 658 19.95 15.86 5.69
CA GLU A 658 20.07 16.00 7.13
C GLU A 658 19.87 14.65 7.82
N PHE A 659 19.01 13.82 7.23
CA PHE A 659 18.70 12.51 7.78
C PHE A 659 19.90 11.57 7.69
N ASP A 660 20.70 11.75 6.64
CA ASP A 660 21.86 10.89 6.42
C ASP A 660 23.04 11.28 7.32
N ASP A 661 23.07 12.55 7.74
CA ASP A 661 24.12 13.03 8.63
C ASP A 661 23.97 12.46 10.04
N LEU A 662 22.72 12.16 10.41
CA LEU A 662 22.44 11.59 11.73
C LEU A 662 23.06 10.20 11.85
N PRO A 663 23.61 9.89 13.03
CA PRO A 663 24.07 8.52 13.31
C PRO A 663 22.90 7.54 13.22
N LEU A 664 23.19 6.28 12.89
CA LEU A 664 22.15 5.29 12.63
C LEU A 664 21.18 5.13 13.80
N ALA A 665 21.66 5.38 15.00
CA ALA A 665 20.82 5.29 16.19
C ALA A 665 19.78 6.41 16.21
N GLU A 666 20.22 7.63 15.87
CA GLU A 666 19.34 8.79 15.91
C GLU A 666 18.42 8.85 14.69
N GLN A 667 18.82 8.23 13.59
CA GLN A 667 17.96 8.13 12.42
C GLN A 667 16.72 7.31 12.75
N ARG A 668 16.94 6.18 13.43
CA ARG A 668 15.87 5.29 13.84
C ARG A 668 14.93 5.97 14.82
N GLU A 669 15.50 6.82 15.68
CA GLU A 669 14.72 7.54 16.67
C GLU A 669 13.94 8.69 16.04
N ALA A 670 14.52 9.28 15.00
CA ALA A 670 13.88 10.40 14.30
C ALA A 670 12.60 9.97 13.61
N CYS A 671 12.55 8.72 13.17
CA CYS A 671 11.37 8.18 12.51
C CYS A 671 10.21 8.07 13.51
N ARG A 672 10.54 7.90 14.78
CA ARG A 672 9.54 7.83 15.83
C ARG A 672 9.17 9.21 16.34
N ARG A 673 10.04 10.18 16.05
CA ARG A 673 9.84 11.56 16.50
C ARG A 673 9.25 12.44 15.41
N ALA A 674 9.97 12.57 14.31
CA ALA A 674 9.56 13.44 13.21
C ALA A 674 8.36 12.89 12.45
N CYS A 675 7.62 13.78 11.81
CA CYS A 675 6.46 13.39 11.02
C CYS A 675 6.53 13.98 9.61
N CYS A 676 7.67 14.56 9.27
CA CYS A 676 7.86 15.15 7.95
C CYS A 676 9.29 14.99 7.45
N PHE A 677 9.44 14.36 6.29
CA PHE A 677 10.73 14.21 5.64
C PHE A 677 10.64 14.71 4.20
N ALA A 678 11.53 15.60 3.80
CA ALA A 678 11.43 16.22 2.49
C ALA A 678 12.72 16.15 1.68
N ARG A 679 12.61 16.45 0.39
CA ARG A 679 13.73 16.43 -0.55
C ARG A 679 14.47 15.10 -0.48
N VAL A 680 13.71 14.01 -0.57
CA VAL A 680 14.27 12.68 -0.38
C VAL A 680 14.43 11.92 -1.70
N GLU A 681 15.25 10.88 -1.65
CA GLU A 681 15.40 9.96 -2.77
C GLU A 681 14.44 8.78 -2.57
N PRO A 682 14.15 8.02 -3.64
CA PRO A 682 13.28 6.85 -3.52
C PRO A 682 13.73 5.86 -2.44
N SER A 683 15.05 5.74 -2.27
CA SER A 683 15.61 4.82 -1.28
C SER A 683 15.38 5.32 0.15
N HIS A 684 15.23 6.64 0.30
CA HIS A 684 14.99 7.23 1.62
C HIS A 684 13.63 6.83 2.17
N LYS A 685 12.62 6.83 1.31
CA LYS A 685 11.27 6.50 1.72
C LYS A 685 11.18 5.07 2.25
N SER A 686 11.82 4.15 1.55
CA SER A 686 11.82 2.74 1.95
C SER A 686 12.69 2.51 3.18
N LYS A 687 13.65 3.42 3.40
CA LYS A 687 14.53 3.33 4.55
C LYS A 687 13.81 3.77 5.82
N ILE A 688 13.00 4.82 5.69
CA ILE A 688 12.20 5.32 6.80
C ILE A 688 11.17 4.29 7.22
N VAL A 689 10.55 3.65 6.24
CA VAL A 689 9.59 2.58 6.49
C VAL A 689 10.24 1.43 7.24
N GLU A 690 11.43 1.04 6.78
CA GLU A 690 12.19 -0.03 7.43
C GLU A 690 12.47 0.28 8.90
N TYR A 691 12.90 1.52 9.16
CA TYR A 691 13.19 1.96 10.52
C TYR A 691 11.95 1.88 11.42
N LEU A 692 10.80 2.24 10.86
CA LEU A 692 9.54 2.16 11.59
C LEU A 692 9.16 0.71 11.84
N GLN A 693 9.49 -0.15 10.90
CA GLN A 693 9.21 -1.58 11.02
C GLN A 693 10.15 -2.25 12.01
N SER A 694 11.22 -1.54 12.38
CA SER A 694 12.17 -2.06 13.36
C SER A 694 11.64 -1.86 14.77
N TYR A 695 10.59 -1.06 14.90
CA TYR A 695 9.92 -0.86 16.18
C TYR A 695 8.68 -1.74 16.28
N ASP A 696 8.67 -2.82 15.51
CA ASP A 696 7.54 -3.74 15.44
C ASP A 696 6.24 -3.02 15.11
N GLU A 697 6.31 -2.09 14.16
CA GLU A 697 5.14 -1.33 13.75
C GLU A 697 4.70 -1.67 12.34
N ILE A 698 3.41 -1.92 12.16
CA ILE A 698 2.84 -2.09 10.83
C ILE A 698 2.62 -0.71 10.24
N THR A 699 3.28 -0.44 9.12
CA THR A 699 3.24 0.88 8.51
C THR A 699 2.66 0.85 7.11
N ALA A 700 1.85 1.86 6.78
CA ALA A 700 1.25 1.97 5.47
C ALA A 700 1.94 3.05 4.65
N MET A 701 2.13 2.79 3.36
CA MET A 701 2.71 3.76 2.46
C MET A 701 1.73 4.10 1.33
N THR A 702 1.46 5.39 1.15
CA THR A 702 0.59 5.83 0.08
C THR A 702 1.27 6.86 -0.81
N GLY A 703 1.18 6.65 -2.12
CA GLY A 703 1.80 7.53 -3.09
C GLY A 703 1.17 7.37 -4.46
N ASP A 704 1.83 7.91 -5.48
CA ASP A 704 1.31 7.82 -6.84
C ASP A 704 2.42 7.84 -7.88
N GLY A 705 3.65 8.05 -7.42
CA GLY A 705 4.79 8.17 -8.32
C GLY A 705 5.68 6.94 -8.36
N VAL A 706 6.64 6.96 -9.28
CA VAL A 706 7.61 5.88 -9.41
C VAL A 706 8.54 5.84 -8.20
N ASN A 707 8.90 7.01 -7.70
CA ASN A 707 9.79 7.11 -6.55
C ASN A 707 9.14 6.62 -5.26
N ASP A 708 7.82 6.42 -5.29
CA ASP A 708 7.10 5.90 -4.14
C ASP A 708 7.16 4.38 -4.07
N ALA A 709 7.34 3.76 -5.24
CA ALA A 709 7.31 2.30 -5.36
C ALA A 709 8.26 1.54 -4.41
N PRO A 710 9.50 2.01 -4.23
CA PRO A 710 10.36 1.29 -3.28
C PRO A 710 9.81 1.24 -1.86
N ALA A 711 9.04 2.26 -1.47
CA ALA A 711 8.45 2.30 -0.14
C ALA A 711 7.09 1.62 -0.12
N LEU A 712 6.41 1.66 -1.27
CA LEU A 712 5.11 1.00 -1.41
C LEU A 712 5.25 -0.51 -1.21
N LYS A 713 6.39 -1.04 -1.64
CA LYS A 713 6.64 -2.48 -1.55
C LYS A 713 7.14 -2.87 -0.17
N LYS A 714 8.08 -2.08 0.36
CA LYS A 714 8.68 -2.39 1.66
C LYS A 714 7.67 -2.30 2.79
N ALA A 715 6.73 -1.35 2.69
CA ALA A 715 5.71 -1.18 3.70
C ALA A 715 4.76 -2.38 3.73
N GLU A 716 4.12 -2.60 4.87
CA GLU A 716 3.14 -3.67 5.00
C GLU A 716 1.98 -3.47 4.04
N ILE A 717 1.44 -2.25 4.02
CA ILE A 717 0.33 -1.93 3.14
C ILE A 717 0.70 -0.81 2.16
N GLY A 718 0.90 -1.19 0.89
CA GLY A 718 1.16 -0.22 -0.15
C GLY A 718 -0.14 0.30 -0.73
N ILE A 719 -0.30 1.62 -0.69
CA ILE A 719 -1.51 2.25 -1.20
C ILE A 719 -1.20 3.16 -2.39
N ALA A 720 -1.93 2.97 -3.48
CA ALA A 720 -1.72 3.78 -4.68
C ALA A 720 -2.95 4.62 -4.99
N MET A 721 -2.76 5.68 -5.77
CA MET A 721 -3.86 6.53 -6.19
C MET A 721 -4.39 6.06 -7.53
N GLY A 722 -5.68 6.29 -7.77
CA GLY A 722 -6.32 5.84 -9.00
C GLY A 722 -5.78 6.55 -10.23
N SER A 723 -5.40 7.81 -10.06
CA SER A 723 -4.82 8.58 -11.16
C SER A 723 -3.30 8.60 -11.09
N GLY A 724 -2.75 7.67 -10.32
CA GLY A 724 -1.31 7.57 -10.15
C GLY A 724 -0.65 6.82 -11.28
N THR A 725 0.67 6.61 -11.15
CA THR A 725 1.44 5.90 -12.17
C THR A 725 1.15 4.40 -12.13
N ALA A 726 1.51 3.71 -13.20
CA ALA A 726 1.33 2.27 -13.29
C ALA A 726 2.33 1.57 -12.37
N VAL A 727 3.52 2.15 -12.23
CA VAL A 727 4.55 1.60 -11.37
C VAL A 727 4.11 1.59 -9.92
N ALA A 728 3.42 2.65 -9.50
CA ALA A 728 2.95 2.78 -8.13
C ALA A 728 1.84 1.77 -7.83
N LYS A 729 0.94 1.59 -8.78
CA LYS A 729 -0.19 0.68 -8.61
C LYS A 729 0.28 -0.78 -8.50
N THR A 730 1.25 -1.14 -9.33
CA THR A 730 1.77 -2.51 -9.34
C THR A 730 2.52 -2.85 -8.07
N ALA A 731 3.09 -1.83 -7.42
CA ALA A 731 3.88 -2.04 -6.22
C ALA A 731 3.03 -1.87 -4.96
N SER A 732 1.75 -1.55 -5.15
CA SER A 732 0.86 -1.33 -4.02
C SER A 732 -0.07 -2.51 -3.77
N GLU A 733 -0.47 -2.68 -2.51
CA GLU A 733 -1.42 -3.72 -2.15
C GLU A 733 -2.85 -3.25 -2.35
N MET A 734 -3.04 -1.93 -2.35
CA MET A 734 -4.36 -1.33 -2.52
C MET A 734 -4.31 -0.10 -3.42
N VAL A 735 -5.41 0.16 -4.12
CA VAL A 735 -5.48 1.31 -5.02
C VAL A 735 -6.74 2.14 -4.74
N LEU A 736 -6.54 3.43 -4.51
CA LEU A 736 -7.65 4.35 -4.26
C LEU A 736 -8.23 4.86 -5.56
N ALA A 737 -9.30 4.21 -6.03
CA ALA A 737 -9.96 4.62 -7.27
C ALA A 737 -10.61 5.99 -7.12
N ASP A 738 -10.89 6.37 -5.87
CA ASP A 738 -11.51 7.66 -5.58
C ASP A 738 -10.49 8.77 -5.50
N ASP A 739 -9.22 8.39 -5.36
CA ASP A 739 -8.11 9.33 -5.18
C ASP A 739 -8.30 10.23 -3.96
N ASN A 740 -9.05 9.73 -2.98
CA ASN A 740 -9.27 10.47 -1.75
C ASN A 740 -8.56 9.81 -0.57
N PHE A 741 -7.98 10.63 0.30
CA PHE A 741 -7.29 10.12 1.48
C PHE A 741 -8.29 9.61 2.50
N SER A 742 -9.52 10.10 2.41
CA SER A 742 -10.60 9.69 3.30
C SER A 742 -10.96 8.23 3.07
N THR A 743 -10.69 7.73 1.87
CA THR A 743 -10.95 6.34 1.52
C THR A 743 -10.09 5.41 2.37
N ILE A 744 -8.86 5.83 2.63
CA ILE A 744 -7.93 5.05 3.45
C ILE A 744 -8.48 4.85 4.86
N VAL A 745 -9.00 5.91 5.45
CA VAL A 745 -9.56 5.86 6.79
C VAL A 745 -10.72 4.87 6.86
N ALA A 746 -11.58 4.90 5.85
CA ALA A 746 -12.71 3.98 5.78
C ALA A 746 -12.23 2.55 5.59
N ALA A 747 -11.13 2.39 4.87
CA ALA A 747 -10.56 1.06 4.61
C ALA A 747 -9.93 0.49 5.87
N VAL A 748 -9.31 1.35 6.67
CA VAL A 748 -8.73 0.94 7.94
C VAL A 748 -9.83 0.50 8.91
N GLU A 749 -10.95 1.23 8.89
CA GLU A 749 -12.11 0.89 9.70
C GLU A 749 -12.64 -0.49 9.33
N GLU A 750 -12.65 -0.77 8.03
CA GLU A 750 -13.06 -2.08 7.54
C GLU A 750 -12.04 -3.13 7.97
N GLY A 751 -10.76 -2.78 7.88
CA GLY A 751 -9.70 -3.68 8.26
C GLY A 751 -9.76 -4.08 9.72
N ARG A 752 -10.12 -3.13 10.59
CA ARG A 752 -10.26 -3.40 12.01
C ARG A 752 -11.49 -4.25 12.28
N ALA A 753 -12.60 -3.90 11.63
CA ALA A 753 -13.86 -4.61 11.83
C ALA A 753 -13.76 -6.06 11.36
N ILE A 754 -13.09 -6.27 10.23
CA ILE A 754 -12.90 -7.61 9.69
C ILE A 754 -12.09 -8.47 10.63
N TYR A 755 -10.98 -7.93 11.14
CA TYR A 755 -10.08 -8.67 12.01
C TYR A 755 -10.77 -9.15 13.29
N ASN A 756 -11.58 -8.29 13.88
CA ASN A 756 -12.32 -8.65 15.09
C ASN A 756 -13.21 -9.86 14.84
N ASN A 757 -13.85 -9.88 13.67
CA ASN A 757 -14.63 -11.04 13.26
C ASN A 757 -13.72 -12.21 12.92
N MET A 758 -12.59 -11.91 12.30
CA MET A 758 -11.58 -12.93 12.00
C MET A 758 -11.03 -13.51 13.29
N LYS A 759 -10.79 -12.65 14.27
CA LYS A 759 -10.23 -13.06 15.55
C LYS A 759 -11.20 -14.00 16.28
N GLN A 760 -12.48 -13.91 15.93
CA GLN A 760 -13.50 -14.73 16.57
C GLN A 760 -13.48 -16.18 16.09
N PHE A 761 -13.68 -16.40 14.79
CA PHE A 761 -13.78 -17.77 14.29
C PHE A 761 -12.42 -18.47 14.26
N ILE A 762 -11.35 -17.70 14.39
CA ILE A 762 -10.04 -18.31 14.60
C ILE A 762 -10.06 -19.02 15.96
N ARG A 763 -10.48 -18.29 16.97
CA ARG A 763 -10.63 -18.84 18.32
C ARG A 763 -11.62 -20.00 18.33
N TYR A 764 -12.72 -19.84 17.61
CA TYR A 764 -13.78 -20.84 17.56
C TYR A 764 -13.31 -22.15 16.94
N LEU A 765 -12.61 -22.06 15.81
CA LEU A 765 -12.13 -23.25 15.12
C LEU A 765 -10.96 -23.90 15.85
N ILE A 766 -10.09 -23.08 16.44
CA ILE A 766 -8.97 -23.59 17.22
C ILE A 766 -9.46 -24.34 18.45
N SER A 767 -10.37 -23.72 19.19
CA SER A 767 -10.96 -24.35 20.37
C SER A 767 -11.68 -25.65 20.00
N SER A 768 -12.25 -25.68 18.81
CA SER A 768 -12.88 -26.88 18.29
C SER A 768 -11.84 -27.99 18.12
N ASN A 769 -10.69 -27.63 17.54
CA ASN A 769 -9.61 -28.58 17.34
C ASN A 769 -8.94 -28.98 18.65
N VAL A 770 -9.06 -28.14 19.67
CA VAL A 770 -8.52 -28.46 20.99
C VAL A 770 -9.30 -29.59 21.64
N GLY A 771 -10.63 -29.48 21.62
CA GLY A 771 -11.49 -30.49 22.18
C GLY A 771 -11.39 -31.83 21.47
N GLU A 772 -11.11 -31.77 20.17
CA GLU A 772 -10.97 -32.99 19.37
C GLU A 772 -9.74 -33.79 19.79
N VAL A 773 -8.66 -33.09 20.12
CA VAL A 773 -7.42 -33.74 20.52
C VAL A 773 -7.55 -34.40 21.89
N VAL A 774 -8.23 -33.71 22.81
CA VAL A 774 -8.50 -34.27 24.12
C VAL A 774 -9.31 -35.55 23.99
N CYS A 775 -10.21 -35.58 23.01
CA CYS A 775 -11.00 -36.76 22.71
C CYS A 775 -10.12 -37.94 22.27
N ILE A 776 -9.22 -37.68 21.33
CA ILE A 776 -8.31 -38.70 20.84
C ILE A 776 -7.34 -39.13 21.93
N PHE A 777 -6.98 -38.19 22.79
CA PHE A 777 -6.06 -38.45 23.89
C PHE A 777 -6.64 -39.44 24.89
N LEU A 778 -7.96 -39.37 25.09
CA LEU A 778 -8.63 -40.26 26.04
C LEU A 778 -8.67 -41.69 25.54
N THR A 779 -9.14 -41.88 24.31
CA THR A 779 -9.28 -43.21 23.73
C THR A 779 -7.96 -43.95 23.62
N ALA A 780 -6.86 -43.18 23.55
CA ALA A 780 -5.53 -43.77 23.44
C ALA A 780 -4.94 -44.06 24.82
N ALA A 781 -5.47 -43.38 25.84
CA ALA A 781 -4.95 -43.53 27.20
C ALA A 781 -5.90 -44.29 28.11
N LEU A 782 -7.17 -43.91 28.09
CA LEU A 782 -8.17 -44.51 28.97
C LEU A 782 -8.43 -45.97 28.58
N GLY A 783 -8.30 -46.27 27.29
CA GLY A 783 -8.45 -47.63 26.81
C GLY A 783 -9.64 -47.86 25.91
N LEU A 784 -10.49 -46.86 25.77
CA LEU A 784 -11.68 -46.97 24.93
C LEU A 784 -11.32 -47.05 23.45
N PRO A 785 -12.14 -47.76 22.67
CA PRO A 785 -11.88 -47.91 21.23
C PRO A 785 -12.00 -46.60 20.46
N GLU A 786 -11.84 -46.67 19.14
CA GLU A 786 -11.89 -45.49 18.29
C GLU A 786 -13.26 -44.81 18.33
N ALA A 787 -13.37 -43.78 19.16
CA ALA A 787 -14.62 -43.03 19.29
C ALA A 787 -14.88 -42.21 18.03
N LEU A 788 -13.83 -41.58 17.52
CA LEU A 788 -13.94 -40.77 16.31
C LEU A 788 -12.79 -41.06 15.34
N ILE A 789 -13.13 -41.23 14.07
CA ILE A 789 -12.13 -41.47 13.03
C ILE A 789 -11.78 -40.15 12.32
N PRO A 790 -10.56 -40.04 11.81
CA PRO A 790 -10.12 -38.81 11.14
C PRO A 790 -10.93 -38.45 9.90
N VAL A 791 -11.65 -39.43 9.35
CA VAL A 791 -12.49 -39.20 8.18
C VAL A 791 -13.64 -38.26 8.52
N GLN A 792 -14.20 -38.44 9.71
CA GLN A 792 -15.31 -37.62 10.18
C GLN A 792 -14.86 -36.20 10.50
N LEU A 793 -13.69 -36.08 11.13
CA LEU A 793 -13.17 -34.79 11.56
C LEU A 793 -12.88 -33.87 10.37
N LEU A 794 -12.53 -34.45 9.23
CA LEU A 794 -12.27 -33.68 8.02
C LEU A 794 -13.55 -33.05 7.48
N TRP A 795 -14.69 -33.61 7.86
CA TRP A 795 -15.98 -33.10 7.42
C TRP A 795 -16.56 -32.15 8.46
N VAL A 796 -16.04 -32.24 9.68
CA VAL A 796 -16.50 -31.38 10.77
C VAL A 796 -15.83 -30.01 10.73
N ASN A 797 -14.51 -30.01 10.67
CA ASN A 797 -13.74 -28.76 10.69
C ASN A 797 -13.83 -27.99 9.38
N LEU A 798 -14.39 -28.63 8.34
CA LEU A 798 -14.47 -28.02 7.03
C LEU A 798 -15.90 -27.60 6.69
N VAL A 799 -16.87 -28.45 7.03
CA VAL A 799 -18.26 -28.20 6.69
C VAL A 799 -19.10 -27.87 7.92
N THR A 800 -19.04 -28.72 8.93
CA THR A 800 -19.83 -28.53 10.13
C THR A 800 -19.43 -27.26 10.87
N ASP A 801 -18.12 -27.02 10.97
CA ASP A 801 -17.62 -25.84 11.66
C ASP A 801 -17.18 -24.77 10.67
N GLY A 802 -17.03 -25.16 9.41
CA GLY A 802 -16.59 -24.25 8.37
C GLY A 802 -17.61 -23.20 8.01
N LEU A 803 -18.89 -23.49 8.28
CA LEU A 803 -19.97 -22.57 7.98
C LEU A 803 -20.23 -21.55 9.11
N PRO A 804 -20.32 -22.00 10.38
CA PRO A 804 -20.50 -21.00 11.42
C PRO A 804 -19.28 -20.08 11.56
N ALA A 805 -18.11 -20.57 11.15
CA ALA A 805 -16.90 -19.78 11.17
C ALA A 805 -17.03 -18.57 10.26
N THR A 806 -17.44 -18.81 9.02
CA THR A 806 -17.67 -17.74 8.05
C THR A 806 -18.83 -16.87 8.51
N ALA A 807 -19.80 -17.48 9.20
CA ALA A 807 -20.95 -16.77 9.73
C ALA A 807 -20.53 -15.80 10.83
N LEU A 808 -19.41 -16.11 11.49
CA LEU A 808 -18.86 -15.23 12.52
C LEU A 808 -18.07 -14.08 11.89
N GLY A 809 -17.98 -14.11 10.56
CA GLY A 809 -17.32 -13.04 9.83
C GLY A 809 -18.27 -11.88 9.58
N PHE A 810 -19.53 -12.07 9.95
CA PHE A 810 -20.55 -11.04 9.78
C PHE A 810 -21.03 -10.51 11.13
N ASN A 811 -20.24 -10.76 12.17
CA ASN A 811 -20.56 -10.26 13.50
C ASN A 811 -20.58 -8.74 13.55
N PRO A 812 -21.58 -8.16 14.24
CA PRO A 812 -21.74 -6.71 14.34
C PRO A 812 -20.54 -6.03 15.01
N PRO A 813 -19.84 -5.16 14.27
CA PRO A 813 -18.68 -4.44 14.80
C PRO A 813 -19.07 -3.42 15.87
N ASP A 814 -18.10 -3.01 16.68
CA ASP A 814 -18.35 -2.06 17.76
C ASP A 814 -18.46 -0.64 17.23
N LEU A 815 -19.20 0.20 17.94
CA LEU A 815 -19.41 1.59 17.53
C LEU A 815 -18.17 2.44 17.82
N ASP A 816 -17.33 1.96 18.74
CA ASP A 816 -16.10 2.66 19.08
C ASP A 816 -14.90 1.99 18.41
N ILE A 817 -15.12 1.47 17.21
CA ILE A 817 -14.09 0.75 16.48
C ILE A 817 -12.93 1.68 16.08
N MET A 818 -13.24 2.95 15.87
CA MET A 818 -12.24 3.92 15.45
C MET A 818 -11.92 4.93 16.57
N ASP A 819 -12.43 4.66 17.76
CA ASP A 819 -12.13 5.48 18.92
C ASP A 819 -11.14 4.76 19.82
N ARG A 820 -10.64 3.62 19.35
CA ARG A 820 -9.71 2.80 20.11
C ARG A 820 -8.37 2.73 19.40
N PRO A 821 -7.27 2.91 20.16
CA PRO A 821 -5.91 2.84 19.63
C PRO A 821 -5.61 1.50 18.95
N PRO A 822 -4.69 1.49 17.98
CA PRO A 822 -4.34 0.29 17.22
C PRO A 822 -3.88 -0.87 18.11
N ARG A 823 -4.27 -2.08 17.75
CA ARG A 823 -3.88 -3.26 18.50
C ARG A 823 -2.40 -3.56 18.31
N SER A 824 -1.81 -4.26 19.28
CA SER A 824 -0.41 -4.65 19.19
C SER A 824 -0.25 -5.78 18.19
N PRO A 825 0.78 -5.69 17.33
CA PRO A 825 1.08 -6.73 16.33
C PRO A 825 1.44 -8.06 16.97
N LYS A 826 2.03 -8.02 18.15
CA LYS A 826 2.46 -9.22 18.85
C LYS A 826 1.41 -9.69 19.87
N GLU A 827 0.16 -9.30 19.65
CA GLU A 827 -0.93 -9.69 20.53
C GLU A 827 -1.38 -11.13 20.28
N PRO A 828 -1.24 -11.99 21.29
CA PRO A 828 -1.69 -13.39 21.18
C PRO A 828 -3.21 -13.48 21.12
N LEU A 829 -3.72 -14.41 20.32
CA LEU A 829 -5.16 -14.58 20.18
C LEU A 829 -5.74 -15.32 21.38
N ILE A 830 -4.94 -16.21 21.95
CA ILE A 830 -5.35 -16.99 23.12
C ILE A 830 -4.37 -16.80 24.27
N SER A 831 -4.83 -16.14 25.33
CA SER A 831 -3.98 -15.89 26.49
C SER A 831 -4.81 -15.55 27.73
N GLY A 832 -4.20 -15.71 28.90
CA GLY A 832 -4.86 -15.38 30.15
C GLY A 832 -6.04 -16.26 30.49
N TRP A 833 -7.13 -15.64 30.94
CA TRP A 833 -8.34 -16.37 31.32
C TRP A 833 -8.98 -17.05 30.12
N LEU A 834 -8.81 -16.45 28.94
CA LEU A 834 -9.34 -17.00 27.71
C LEU A 834 -8.70 -18.35 27.39
N PHE A 835 -7.42 -18.47 27.74
CA PHE A 835 -6.70 -19.72 27.55
C PHE A 835 -7.23 -20.81 28.48
N PHE A 836 -7.62 -20.40 29.68
CA PHE A 836 -8.16 -21.34 30.66
C PHE A 836 -9.56 -21.79 30.27
N ARG A 837 -10.27 -20.92 29.57
CA ARG A 837 -11.62 -21.23 29.10
C ARG A 837 -11.61 -22.34 28.06
N TYR A 838 -10.86 -22.13 26.98
CA TYR A 838 -10.80 -23.08 25.88
C TYR A 838 -10.07 -24.36 26.28
N MET A 839 -9.33 -24.31 27.38
CA MET A 839 -8.69 -25.50 27.92
C MET A 839 -9.72 -26.33 28.68
N ALA A 840 -10.60 -25.63 29.41
CA ALA A 840 -11.69 -26.28 30.12
C ALA A 840 -12.73 -26.80 29.14
N ILE A 841 -13.02 -26.01 28.11
CA ILE A 841 -13.93 -26.42 27.05
C ILE A 841 -13.33 -27.59 26.27
N GLY A 842 -12.05 -27.50 25.97
CA GLY A 842 -11.34 -28.56 25.29
C GLY A 842 -11.38 -29.86 26.05
N GLY A 843 -11.22 -29.77 27.37
CA GLY A 843 -11.32 -30.94 28.22
C GLY A 843 -12.75 -31.40 28.38
N TYR A 844 -13.69 -30.49 28.11
CA TYR A 844 -15.11 -30.82 28.20
C TYR A 844 -15.59 -31.50 26.93
N VAL A 845 -15.26 -30.93 25.78
CA VAL A 845 -15.64 -31.48 24.49
C VAL A 845 -15.02 -32.86 24.29
N GLY A 846 -13.76 -33.00 24.68
CA GLY A 846 -13.06 -34.26 24.58
C GLY A 846 -13.66 -35.34 25.47
N ALA A 847 -14.25 -34.91 26.58
CA ALA A 847 -14.88 -35.84 27.51
C ALA A 847 -16.35 -36.08 27.15
N ALA A 848 -16.92 -35.14 26.41
CA ALA A 848 -18.32 -35.24 26.01
C ALA A 848 -18.50 -36.20 24.84
N THR A 849 -17.41 -36.45 24.13
CA THR A 849 -17.45 -37.36 22.99
C THR A 849 -17.08 -38.79 23.40
N VAL A 850 -15.96 -38.92 24.10
CA VAL A 850 -15.52 -40.22 24.60
C VAL A 850 -16.50 -40.74 25.65
N GLY A 851 -17.01 -39.83 26.48
CA GLY A 851 -17.97 -40.17 27.51
C GLY A 851 -19.28 -40.64 26.93
N ALA A 852 -19.71 -40.00 25.84
CA ALA A 852 -20.94 -40.39 25.16
C ALA A 852 -20.76 -41.72 24.44
N ALA A 853 -19.52 -42.02 24.07
CA ALA A 853 -19.19 -43.29 23.45
C ALA A 853 -19.28 -44.41 24.48
N ALA A 854 -18.91 -44.08 25.72
CA ALA A 854 -18.98 -45.03 26.82
C ALA A 854 -20.41 -45.15 27.34
N TRP A 855 -21.23 -44.15 27.02
CA TRP A 855 -22.64 -44.15 27.39
C TRP A 855 -23.37 -45.28 26.67
N TRP A 856 -22.87 -45.65 25.51
CA TRP A 856 -23.45 -46.74 24.72
C TRP A 856 -23.05 -48.10 25.29
N PHE A 857 -22.03 -48.10 26.15
CA PHE A 857 -21.52 -49.34 26.72
C PHE A 857 -21.86 -49.49 28.20
N MET A 858 -21.74 -48.40 28.95
CA MET A 858 -22.01 -48.44 30.39
C MET A 858 -23.44 -48.04 30.72
N TYR A 859 -23.69 -46.73 30.76
CA TYR A 859 -25.01 -46.21 31.05
C TYR A 859 -25.90 -46.26 29.81
N ALA A 860 -26.14 -47.47 29.30
CA ALA A 860 -26.88 -47.64 28.07
C ALA A 860 -28.29 -48.18 28.32
N GLU A 861 -29.04 -48.35 27.22
CA GLU A 861 -30.40 -48.86 27.31
C GLU A 861 -30.70 -49.74 26.09
N ASP A 862 -30.24 -49.29 24.92
CA ASP A 862 -30.41 -50.06 23.70
C ASP A 862 -29.11 -50.76 23.31
N GLY A 863 -28.09 -50.62 24.16
CA GLY A 863 -26.81 -51.24 23.91
C GLY A 863 -26.42 -52.19 25.03
N PRO A 864 -25.30 -52.91 24.86
CA PRO A 864 -24.80 -53.84 25.87
C PRO A 864 -24.39 -53.13 27.15
N GLY A 865 -24.42 -53.85 28.27
CA GLY A 865 -24.07 -53.26 29.56
C GLY A 865 -22.62 -53.51 29.91
N VAL A 866 -21.72 -53.15 28.99
CA VAL A 866 -20.29 -53.32 29.21
C VAL A 866 -19.76 -52.31 30.23
N THR A 867 -19.31 -52.80 31.37
CA THR A 867 -18.80 -51.93 32.43
C THR A 867 -17.47 -51.29 32.05
N TYR A 868 -16.98 -50.41 32.91
CA TYR A 868 -15.75 -49.67 32.66
C TYR A 868 -14.53 -50.59 32.68
N HIS A 869 -14.61 -51.66 33.46
CA HIS A 869 -13.49 -52.58 33.62
C HIS A 869 -13.26 -53.44 32.38
N GLN A 870 -14.34 -53.99 31.84
CA GLN A 870 -14.24 -54.91 30.71
C GLN A 870 -14.33 -54.20 29.36
N LEU A 871 -14.10 -52.89 29.37
CA LEU A 871 -14.12 -52.12 28.13
C LEU A 871 -12.69 -51.74 27.72
N THR A 872 -11.79 -51.72 28.69
CA THR A 872 -10.39 -51.37 28.45
C THR A 872 -9.73 -52.39 27.51
N HIS A 873 -10.13 -53.65 27.64
CA HIS A 873 -9.60 -54.71 26.80
C HIS A 873 -10.45 -54.88 25.54
N PHE A 874 -10.44 -53.86 24.69
CA PHE A 874 -11.23 -53.89 23.46
C PHE A 874 -10.64 -54.84 22.43
N MET A 875 -9.34 -55.07 22.52
CA MET A 875 -8.64 -55.95 21.59
C MET A 875 -8.83 -57.42 21.97
N GLN A 876 -8.65 -57.72 23.26
CA GLN A 876 -8.79 -59.09 23.75
C GLN A 876 -10.26 -59.49 23.88
N CYS A 877 -10.90 -59.74 22.75
CA CYS A 877 -12.28 -60.18 22.74
C CYS A 877 -12.47 -61.32 21.75
N THR A 878 -11.63 -61.34 20.71
CA THR A 878 -11.65 -62.40 19.72
C THR A 878 -10.60 -63.46 20.06
N GLU A 879 -9.55 -63.03 20.74
CA GLU A 879 -8.45 -63.91 21.11
C GLU A 879 -8.61 -64.42 22.54
N ASP A 880 -9.50 -63.80 23.30
CA ASP A 880 -9.73 -64.17 24.69
C ASP A 880 -11.08 -64.44 25.34
N HIS A 881 -11.58 -65.67 25.17
CA HIS A 881 -12.87 -66.05 25.73
C HIS A 881 -13.04 -66.94 26.97
N PRO A 882 -12.11 -67.89 27.21
CA PRO A 882 -12.24 -68.64 28.47
C PRO A 882 -12.09 -67.77 29.71
N HIS A 883 -11.49 -66.60 29.56
CA HIS A 883 -11.34 -65.67 30.68
C HIS A 883 -12.34 -64.52 30.58
N PHE A 884 -12.69 -64.15 29.36
CA PHE A 884 -13.64 -63.07 29.13
C PHE A 884 -14.83 -63.55 28.30
N GLU A 885 -15.97 -63.75 28.97
CA GLU A 885 -17.18 -64.20 28.29
C GLU A 885 -18.22 -63.08 28.24
N GLY A 886 -18.65 -62.73 27.04
CA GLY A 886 -19.62 -61.67 26.85
C GLY A 886 -20.62 -61.98 25.76
N LEU A 887 -20.77 -61.05 24.82
CA LEU A 887 -21.72 -61.21 23.73
C LEU A 887 -21.01 -61.34 22.39
N ASP A 888 -20.87 -60.21 21.69
CA ASP A 888 -20.23 -60.20 20.37
C ASP A 888 -18.89 -59.47 20.43
N CYS A 889 -18.14 -59.51 19.33
CA CYS A 889 -16.83 -58.89 19.26
C CYS A 889 -16.84 -57.67 18.34
N GLU A 890 -17.90 -57.55 17.54
CA GLU A 890 -18.03 -56.45 16.58
C GLU A 890 -18.62 -55.21 17.25
N ILE A 891 -18.95 -55.34 18.52
CA ILE A 891 -19.55 -54.25 19.28
C ILE A 891 -18.58 -53.07 19.44
N PHE A 892 -17.30 -53.39 19.55
CA PHE A 892 -16.27 -52.36 19.70
C PHE A 892 -16.15 -51.51 18.43
N GLU A 893 -16.32 -52.13 17.28
CA GLU A 893 -16.27 -51.42 16.01
C GLU A 893 -17.67 -51.22 15.43
N ALA A 894 -18.62 -50.96 16.31
CA ALA A 894 -20.01 -50.74 15.90
C ALA A 894 -20.22 -49.30 15.43
N PRO A 895 -21.14 -49.11 14.47
CA PRO A 895 -21.43 -47.77 13.94
C PRO A 895 -22.41 -46.98 14.80
N GLU A 896 -22.46 -47.28 16.10
CA GLU A 896 -23.33 -46.56 17.03
C GLU A 896 -22.62 -45.71 18.10
N PRO A 897 -21.44 -46.15 18.59
CA PRO A 897 -20.79 -45.28 19.59
C PRO A 897 -20.02 -44.19 18.85
N MET A 898 -19.63 -44.46 17.61
CA MET A 898 -18.91 -43.46 16.82
C MET A 898 -19.86 -42.36 16.36
N THR A 899 -21.10 -42.74 16.07
CA THR A 899 -22.11 -41.77 15.65
C THR A 899 -22.61 -40.99 16.87
N MET A 900 -22.57 -41.63 18.03
CA MET A 900 -23.00 -40.99 19.27
C MET A 900 -22.04 -39.88 19.67
N ALA A 901 -20.74 -40.12 19.45
CA ALA A 901 -19.72 -39.14 19.80
C ALA A 901 -19.68 -37.99 18.80
N LEU A 902 -19.87 -38.30 17.54
CA LEU A 902 -19.82 -37.30 16.48
C LEU A 902 -21.02 -36.36 16.57
N SER A 903 -22.17 -36.90 16.97
CA SER A 903 -23.38 -36.10 17.13
C SER A 903 -23.22 -35.10 18.27
N VAL A 904 -22.50 -35.51 19.31
CA VAL A 904 -22.21 -34.63 20.44
C VAL A 904 -21.28 -33.50 20.00
N LEU A 905 -20.24 -33.85 19.27
CA LEU A 905 -19.26 -32.88 18.78
C LEU A 905 -19.93 -31.78 17.95
N VAL A 906 -20.83 -32.17 17.07
CA VAL A 906 -21.53 -31.23 16.21
C VAL A 906 -22.41 -30.29 17.03
N THR A 907 -23.16 -30.86 17.97
CA THR A 907 -24.09 -30.09 18.78
C THR A 907 -23.38 -29.06 19.66
N ILE A 908 -22.23 -29.44 20.22
CA ILE A 908 -21.45 -28.55 21.07
C ILE A 908 -20.94 -27.35 20.27
N GLU A 909 -20.40 -27.61 19.09
CA GLU A 909 -19.84 -26.55 18.25
C GLU A 909 -20.89 -25.54 17.83
N MET A 910 -22.11 -26.01 17.61
CA MET A 910 -23.21 -25.11 17.29
C MET A 910 -23.54 -24.24 18.49
N CYS A 911 -23.35 -24.80 19.68
CA CYS A 911 -23.57 -24.06 20.91
C CYS A 911 -22.35 -23.20 21.25
N ASN A 912 -21.17 -23.71 20.90
CA ASN A 912 -19.93 -22.98 21.14
C ASN A 912 -19.80 -21.78 20.20
N ALA A 913 -20.42 -21.89 19.04
CA ALA A 913 -20.43 -20.79 18.07
C ALA A 913 -21.21 -19.60 18.63
N LEU A 914 -22.20 -19.89 19.47
CA LEU A 914 -22.96 -18.85 20.14
C LEU A 914 -22.13 -18.21 21.23
N ASN A 915 -21.20 -18.99 21.79
CA ASN A 915 -20.26 -18.48 22.79
C ASN A 915 -19.05 -17.84 22.12
N SER A 916 -18.96 -17.98 20.81
CA SER A 916 -17.86 -17.40 20.04
C SER A 916 -18.28 -16.10 19.38
N LEU A 917 -19.57 -15.77 19.48
CA LEU A 917 -20.08 -14.52 18.94
C LEU A 917 -19.53 -13.36 19.75
N SER A 918 -19.32 -13.59 21.05
CA SER A 918 -18.70 -12.60 21.92
C SER A 918 -17.61 -13.25 22.76
N GLU A 919 -16.75 -12.43 23.34
CA GLU A 919 -15.65 -12.94 24.15
C GLU A 919 -16.00 -13.00 25.63
N ASN A 920 -16.48 -11.88 26.17
CA ASN A 920 -16.79 -11.79 27.59
C ASN A 920 -18.15 -11.17 27.87
N GLN A 921 -19.15 -11.53 27.08
CA GLN A 921 -20.51 -11.04 27.28
C GLN A 921 -21.52 -12.19 27.26
N SER A 922 -22.46 -12.14 28.20
CA SER A 922 -23.50 -13.17 28.30
C SER A 922 -24.42 -13.14 27.09
N LEU A 923 -25.06 -14.27 26.80
CA LEU A 923 -25.96 -14.37 25.66
C LEU A 923 -27.28 -13.65 25.93
N MET A 924 -27.54 -13.38 27.21
CA MET A 924 -28.73 -12.64 27.60
C MET A 924 -28.56 -11.17 27.22
N ARG A 925 -27.40 -10.62 27.55
CA ARG A 925 -27.09 -9.24 27.22
C ARG A 925 -26.69 -9.12 25.74
N MET A 926 -26.10 -10.17 25.22
CA MET A 926 -25.72 -10.22 23.80
C MET A 926 -26.55 -11.28 23.08
N PRO A 927 -27.70 -10.87 22.53
CA PRO A 927 -28.65 -11.76 21.86
C PRO A 927 -28.02 -12.54 20.71
N PRO A 928 -28.13 -13.88 20.76
CA PRO A 928 -27.61 -14.76 19.71
C PRO A 928 -28.34 -14.59 18.38
N TRP A 929 -29.50 -13.95 18.41
CA TRP A 929 -30.28 -13.75 17.20
C TRP A 929 -29.94 -12.45 16.49
N VAL A 930 -28.92 -11.75 16.99
CA VAL A 930 -28.44 -10.55 16.32
C VAL A 930 -27.76 -10.92 15.01
N ASN A 931 -26.87 -11.91 15.08
CA ASN A 931 -26.21 -12.42 13.88
C ASN A 931 -27.14 -13.36 13.13
N ILE A 932 -27.89 -12.81 12.18
CA ILE A 932 -28.85 -13.58 11.40
C ILE A 932 -28.16 -14.66 10.57
N TRP A 933 -26.99 -14.32 10.02
CA TRP A 933 -26.23 -15.25 9.19
C TRP A 933 -25.69 -16.42 9.99
N LEU A 934 -25.57 -16.25 11.31
CA LEU A 934 -25.09 -17.32 12.17
C LEU A 934 -26.19 -18.33 12.46
N LEU A 935 -27.41 -17.83 12.64
CA LEU A 935 -28.56 -18.69 12.88
C LEU A 935 -28.86 -19.57 11.67
N GLY A 936 -28.82 -18.96 10.49
CA GLY A 936 -29.06 -19.68 9.25
C GLY A 936 -27.92 -20.62 8.92
N SER A 937 -26.77 -20.40 9.56
CA SER A 937 -25.61 -21.27 9.37
C SER A 937 -25.73 -22.54 10.20
N ILE A 938 -26.17 -22.39 11.45
CA ILE A 938 -26.37 -23.53 12.34
C ILE A 938 -27.45 -24.45 11.80
N CYS A 939 -28.55 -23.86 11.35
CA CYS A 939 -29.64 -24.64 10.76
C CYS A 939 -29.17 -25.36 9.50
N LEU A 940 -28.30 -24.72 8.73
CA LEU A 940 -27.73 -25.32 7.54
C LEU A 940 -26.74 -26.41 7.91
N SER A 941 -26.03 -26.20 9.02
CA SER A 941 -25.06 -27.18 9.50
C SER A 941 -25.76 -28.42 10.07
N MET A 942 -26.86 -28.19 10.77
CA MET A 942 -27.64 -29.29 11.34
C MET A 942 -28.44 -30.02 10.25
N SER A 943 -28.71 -29.32 9.16
CA SER A 943 -29.43 -29.90 8.03
C SER A 943 -28.55 -30.93 7.32
N LEU A 944 -27.26 -30.62 7.22
CA LEU A 944 -26.31 -31.53 6.59
C LEU A 944 -25.93 -32.65 7.55
N HIS A 945 -26.17 -32.43 8.84
CA HIS A 945 -25.93 -33.44 9.85
C HIS A 945 -26.99 -34.53 9.77
N PHE A 946 -28.18 -34.16 9.30
CA PHE A 946 -29.26 -35.10 9.08
C PHE A 946 -29.12 -35.77 7.71
N LEU A 947 -28.62 -35.00 6.75
CA LEU A 947 -28.44 -35.47 5.38
C LEU A 947 -27.41 -36.60 5.33
N ILE A 948 -26.37 -36.48 6.16
CA ILE A 948 -25.29 -37.46 6.19
C ILE A 948 -25.71 -38.72 6.93
N LEU A 949 -26.87 -38.67 7.58
CA LEU A 949 -27.39 -39.81 8.31
C LEU A 949 -28.60 -40.43 7.63
N TYR A 950 -29.05 -39.81 6.55
CA TYR A 950 -30.23 -40.28 5.83
C TYR A 950 -29.88 -40.92 4.50
N VAL A 951 -29.40 -40.12 3.56
CA VAL A 951 -29.03 -40.61 2.23
C VAL A 951 -27.92 -41.64 2.33
N ASP A 952 -28.29 -42.91 2.12
CA ASP A 952 -27.44 -44.08 2.36
C ASP A 952 -25.98 -43.99 1.87
N PRO A 953 -25.74 -43.41 0.68
CA PRO A 953 -24.33 -43.31 0.27
C PRO A 953 -23.47 -42.37 1.13
N LEU A 954 -24.05 -41.74 2.14
CA LEU A 954 -23.29 -40.81 2.99
C LEU A 954 -22.80 -41.42 4.31
N PRO A 955 -23.70 -42.09 5.09
CA PRO A 955 -23.16 -42.63 6.34
C PRO A 955 -22.36 -43.92 6.14
N MET A 956 -22.22 -44.36 4.90
CA MET A 956 -21.48 -45.57 4.59
C MET A 956 -19.97 -45.36 4.78
N ILE A 957 -19.43 -44.36 4.11
CA ILE A 957 -18.01 -44.07 4.17
C ILE A 957 -17.60 -43.45 5.51
N PHE A 958 -18.59 -42.88 6.21
CA PHE A 958 -18.34 -42.29 7.52
C PHE A 958 -18.63 -43.29 8.63
N LYS A 959 -19.17 -44.44 8.26
CA LYS A 959 -19.56 -45.49 9.21
C LYS A 959 -20.48 -44.94 10.29
N LEU A 960 -21.64 -44.46 9.88
CA LEU A 960 -22.59 -43.85 10.82
C LEU A 960 -23.96 -44.50 10.73
N LYS A 961 -24.69 -44.46 11.85
CA LYS A 961 -26.05 -44.98 11.91
C LYS A 961 -27.02 -43.90 12.33
N ALA A 962 -28.15 -43.80 11.63
CA ALA A 962 -29.16 -42.78 11.91
C ALA A 962 -29.70 -42.90 13.32
N LEU A 963 -29.19 -42.07 14.23
CA LEU A 963 -29.62 -42.08 15.62
C LEU A 963 -31.07 -41.62 15.73
N ASP A 964 -31.88 -42.41 16.43
CA ASP A 964 -33.29 -42.10 16.60
C ASP A 964 -33.51 -40.97 17.60
N LEU A 965 -34.75 -40.74 17.98
CA LEU A 965 -35.10 -39.68 18.92
C LEU A 965 -34.96 -40.14 20.36
N THR A 966 -34.24 -41.26 20.56
CA THR A 966 -34.02 -41.80 21.89
C THR A 966 -32.68 -41.34 22.44
N GLN A 967 -31.61 -41.59 21.69
CA GLN A 967 -30.26 -41.20 22.10
C GLN A 967 -30.04 -39.71 21.84
N TRP A 968 -30.93 -39.11 21.05
CA TRP A 968 -30.82 -37.71 20.68
C TRP A 968 -31.21 -36.80 21.85
N LEU A 969 -32.04 -37.32 22.74
CA LEU A 969 -32.47 -36.56 23.91
C LEU A 969 -31.36 -36.45 24.94
N MET A 970 -30.43 -37.41 24.91
CA MET A 970 -29.30 -37.41 25.83
C MET A 970 -28.27 -36.36 25.40
N VAL A 971 -28.30 -36.01 24.12
CA VAL A 971 -27.40 -35.00 23.57
C VAL A 971 -27.71 -33.63 24.18
N LEU A 972 -29.00 -33.37 24.40
CA LEU A 972 -29.44 -32.11 24.98
C LEU A 972 -29.23 -32.07 26.49
N LYS A 973 -28.60 -33.12 27.02
CA LYS A 973 -28.30 -33.19 28.44
C LYS A 973 -26.80 -33.26 28.68
N ILE A 974 -26.04 -33.35 27.59
CA ILE A 974 -24.58 -33.42 27.66
C ILE A 974 -23.94 -32.29 26.85
N SER A 975 -24.38 -32.14 25.61
CA SER A 975 -23.84 -31.11 24.72
C SER A 975 -24.41 -29.73 25.04
N LEU A 976 -25.69 -29.69 25.38
CA LEU A 976 -26.38 -28.45 25.67
C LEU A 976 -25.80 -27.65 26.86
N PRO A 977 -25.47 -28.32 27.99
CA PRO A 977 -24.97 -27.50 29.10
C PRO A 977 -23.53 -27.03 28.94
N VAL A 978 -23.03 -26.95 27.71
CA VAL A 978 -21.71 -26.39 27.45
C VAL A 978 -21.80 -24.87 27.49
N ILE A 979 -23.03 -24.37 27.39
CA ILE A 979 -23.28 -22.93 27.46
C ILE A 979 -22.99 -22.40 28.85
N GLY A 980 -23.54 -23.07 29.86
CA GLY A 980 -23.37 -22.66 31.24
C GLY A 980 -21.94 -22.70 31.72
N LEU A 981 -21.18 -23.69 31.23
CA LEU A 981 -19.78 -23.84 31.60
C LEU A 981 -18.97 -22.61 31.17
N ASP A 982 -19.18 -22.18 29.93
CA ASP A 982 -18.48 -21.02 29.40
C ASP A 982 -19.08 -19.73 29.94
N GLU A 983 -20.36 -19.78 30.32
CA GLU A 983 -21.05 -18.62 30.85
C GLU A 983 -20.51 -18.24 32.23
N ILE A 984 -20.25 -19.24 33.05
CA ILE A 984 -19.66 -19.01 34.37
C ILE A 984 -18.27 -18.41 34.24
N LEU A 985 -17.49 -18.95 33.31
CA LEU A 985 -16.15 -18.45 33.05
C LEU A 985 -16.18 -17.00 32.54
N LYS A 986 -17.23 -16.67 31.78
CA LYS A 986 -17.42 -15.31 31.31
C LYS A 986 -17.77 -14.37 32.46
N PHE A 987 -18.62 -14.84 33.36
CA PHE A 987 -19.06 -14.03 34.49
C PHE A 987 -17.92 -13.70 35.43
N ILE A 988 -17.08 -14.70 35.70
CA ILE A 988 -15.92 -14.51 36.58
C ILE A 988 -14.91 -13.55 35.95
N ALA A 989 -14.75 -13.66 34.63
CA ALA A 989 -13.79 -12.83 33.91
C ALA A 989 -14.18 -11.36 33.88
N ARG A 990 -15.47 -11.08 33.92
CA ARG A 990 -15.95 -9.70 33.86
C ARG A 990 -16.38 -9.18 35.23
N ASN A 991 -15.95 -9.85 36.29
CA ASN A 991 -16.29 -9.43 37.64
C ASN A 991 -15.09 -9.46 38.58
N TYR A 992 -14.16 -10.37 38.33
CA TYR A 992 -12.98 -10.51 39.17
C TYR A 992 -11.69 -10.15 38.44
N LEU A 993 -11.83 -9.68 37.20
CA LEU A 993 -10.69 -9.25 36.42
C LEU A 993 -10.93 -7.84 35.87
N GLU A 994 -11.71 -7.74 34.81
CA GLU A 994 -12.08 -6.46 34.23
C GLU A 994 -13.34 -6.59 33.37
N GLY A 995 -14.30 -5.72 33.63
CA GLY A 995 -15.56 -5.73 32.89
C GLY A 995 -15.40 -5.25 31.47
#